data_7LK0
#
_entry.id   7LK0
#
_cell.length_a   192.707
_cell.length_b   192.707
_cell.length_c   56.804
_cell.angle_alpha   90.000
_cell.angle_beta   90.000
_cell.angle_gamma   120.000
#
_symmetry.space_group_name_H-M   'P 31 1 2'
#
loop_
_entity.id
_entity.type
_entity.pdbx_description
1 polymer 'Ornithine aminotransferase, mitochondrial'
2 non-polymer '(1R,3S)-3-[(E)-({3-hydroxy-2-methyl-5-[(phosphonooxy)methyl]pyridin-4-yl}methylidene)amino]-4-oxocyclopentane-1-carboxylic acid'
3 water water
#
_entity_poly.entity_id   1
_entity_poly.type   'polypeptide(L)'
_entity_poly.pdbx_seq_one_letter_code
;GPPTSDDIFEREYKYGAHNYHPLPVALERGKGIYLWDVEGRKYFDFLSSYSAVNQGHCHPKIVNALKSQVDKLTLTSRAF
YNNVLGEYEEYITKLFNYHKVLPMNTGVEAGETACKLARKWGYTVKGIQKYKAKIVFAAGNFWGRTLSAISSSTDPTSYD
GFGPFMPGFDIIPYNDLPALERALQDPNVAAFMVEPIQGEAGVVVPDPGYLMGVRELCTRHQVLFIADEIQTGLARTGRW
LAVDYENVRPDIVLLGKALSGGLYPVSAVLCDDDIMLTIKPGEHGSTYGGNPLGCRVAIAALEVLEEENLAENADKLGII
LRNELMKLPSDVVTAVRGKGLLNAIVIKETKDWDAWKVCLRLRDNGLLAKPTHGDIIRFAPPLVIKEDELRESIEIINKT
ILSF
;
_entity_poly.pdbx_strand_id   A,B,C
#
loop_
_chem_comp.id
_chem_comp.type
_chem_comp.name
_chem_comp.formula
Y3D non-polymer '(1R,3S)-3-[(E)-({3-hydroxy-2-methyl-5-[(phosphonooxy)methyl]pyridin-4-yl}methylidene)amino]-4-oxocyclopentane-1-carboxylic acid' 'C14 H17 N2 O8 P'
#
# COMPACT_ATOMS: atom_id res chain seq x y z
N PRO A 3 13.40 9.93 26.20
CA PRO A 3 14.54 10.18 25.28
C PRO A 3 14.04 10.57 23.90
N THR A 4 13.41 11.74 23.81
CA THR A 4 12.69 12.15 22.61
C THR A 4 13.65 12.71 21.55
N SER A 5 13.08 13.13 20.42
CA SER A 5 13.89 13.69 19.34
C SER A 5 14.49 15.04 19.74
N ASP A 6 13.70 15.89 20.41
CA ASP A 6 14.21 17.19 20.83
C ASP A 6 15.31 17.04 21.88
N ASP A 7 15.17 16.05 22.77
CA ASP A 7 16.23 15.78 23.74
C ASP A 7 17.52 15.42 23.02
N ILE A 8 17.43 14.65 21.93
CA ILE A 8 18.63 14.25 21.19
C ILE A 8 19.27 15.47 20.55
N PHE A 9 18.45 16.30 19.89
CA PHE A 9 18.99 17.53 19.31
C PHE A 9 19.71 18.35 20.36
N GLU A 10 19.06 18.58 21.51
CA GLU A 10 19.64 19.45 22.53
C GLU A 10 20.92 18.87 23.10
N ARG A 11 20.94 17.56 23.34
CA ARG A 11 22.11 16.91 23.90
C ARG A 11 23.31 17.05 22.96
N GLU A 12 23.11 16.76 21.67
CA GLU A 12 24.21 16.92 20.72
C GLU A 12 24.64 18.38 20.64
N TYR A 13 23.70 19.31 20.70
CA TYR A 13 24.09 20.71 20.67
C TYR A 13 24.92 21.08 21.90
N LYS A 14 24.69 20.42 23.02
CA LYS A 14 25.44 20.77 24.22
C LYS A 14 26.84 20.17 24.21
N TYR A 15 26.97 18.90 23.82
CA TYR A 15 28.23 18.20 24.03
C TYR A 15 29.02 17.93 22.76
N GLY A 16 28.50 18.24 21.58
CA GLY A 16 29.16 17.92 20.34
C GLY A 16 29.50 19.17 19.56
N ALA A 17 30.51 19.07 18.70
CA ALA A 17 30.85 20.19 17.85
C ALA A 17 29.65 20.56 16.98
N HIS A 18 29.63 21.82 16.52
CA HIS A 18 28.55 22.32 15.69
C HIS A 18 28.95 22.31 14.22
N ASN A 19 29.65 21.26 13.78
CA ASN A 19 30.12 21.24 12.40
C ASN A 19 29.05 20.78 11.43
N TYR A 20 27.90 20.34 11.91
CA TYR A 20 26.77 19.99 11.07
C TYR A 20 25.52 20.72 11.53
N HIS A 21 24.60 20.94 10.59
CA HIS A 21 23.23 21.34 10.89
C HIS A 21 22.32 20.32 10.23
N PRO A 22 22.06 19.19 10.88
CA PRO A 22 21.29 18.12 10.23
C PRO A 22 19.80 18.44 10.15
N LEU A 23 19.13 17.72 9.25
CA LEU A 23 17.68 17.77 9.21
C LEU A 23 17.14 17.31 10.57
N PRO A 24 16.23 18.06 11.18
CA PRO A 24 15.79 17.72 12.54
C PRO A 24 14.95 16.44 12.57
N VAL A 25 15.62 15.30 12.49
CA VAL A 25 14.98 13.99 12.66
C VAL A 25 16.00 13.09 13.36
N ALA A 26 15.54 12.30 14.31
CA ALA A 26 16.44 11.55 15.20
C ALA A 26 16.18 10.06 15.01
N LEU A 27 16.98 9.42 14.17
CA LEU A 27 16.79 8.01 13.87
C LEU A 27 17.37 7.13 14.98
N GLU A 28 16.74 5.97 15.17
CA GLU A 28 17.30 4.96 16.05
C GLU A 28 17.27 3.55 15.47
N ARG A 29 16.55 3.32 14.38
CA ARG A 29 16.61 2.01 13.75
C ARG A 29 16.64 2.17 12.24
N GLY A 30 17.32 1.24 11.57
CA GLY A 30 17.31 1.20 10.12
C GLY A 30 17.28 -0.21 9.58
N LYS A 31 16.44 -0.44 8.58
CA LYS A 31 16.37 -1.77 7.97
C LYS A 31 15.96 -1.62 6.51
N GLY A 32 16.83 -2.11 5.62
CA GLY A 32 16.54 -2.02 4.20
C GLY A 32 16.40 -0.57 3.76
N ILE A 33 15.25 -0.25 3.17
CA ILE A 33 15.00 1.10 2.68
C ILE A 33 14.41 2.02 3.75
N TYR A 34 14.20 1.52 4.97
CA TYR A 34 13.45 2.28 5.95
C TYR A 34 14.31 2.71 7.14
N LEU A 35 13.91 3.84 7.73
CA LEU A 35 14.48 4.36 8.96
C LEU A 35 13.35 4.65 9.93
N TRP A 36 13.59 4.41 11.22
CA TRP A 36 12.65 4.74 12.28
C TRP A 36 13.32 5.67 13.27
N ASP A 37 12.59 6.73 13.65
CA ASP A 37 13.04 7.69 14.63
C ASP A 37 12.62 7.24 16.04
N VAL A 38 13.00 8.03 17.05
CA VAL A 38 12.79 7.58 18.42
C VAL A 38 11.32 7.62 18.82
N GLU A 39 10.48 8.33 18.06
CA GLU A 39 9.04 8.28 18.30
C GLU A 39 8.36 7.11 17.59
N GLY A 40 9.12 6.25 16.93
CA GLY A 40 8.55 5.14 16.19
C GLY A 40 8.02 5.50 14.81
N ARG A 41 8.30 6.70 14.33
CA ARG A 41 7.84 7.09 12.99
C ARG A 41 8.73 6.47 11.92
N LYS A 42 8.12 6.09 10.81
CA LYS A 42 8.79 5.37 9.74
C LYS A 42 8.98 6.27 8.53
N TYR A 43 10.18 6.21 7.94
CA TYR A 43 10.57 7.06 6.83
C TYR A 43 11.23 6.23 5.74
N PHE A 44 10.96 6.59 4.49
CA PHE A 44 11.84 6.18 3.39
C PHE A 44 13.16 6.94 3.51
N ASP A 45 14.27 6.22 3.36
CA ASP A 45 15.58 6.84 3.29
C ASP A 45 15.90 7.12 1.83
N PHE A 46 15.91 8.38 1.44
CA PHE A 46 16.25 8.78 0.07
C PHE A 46 17.58 9.52 0.01
N LEU A 47 18.49 9.19 0.93
CA LEU A 47 19.88 9.59 0.86
C LEU A 47 20.82 8.40 0.89
N SER A 48 20.48 7.32 1.59
CA SER A 48 21.29 6.11 1.66
C SER A 48 22.70 6.41 2.19
N SER A 49 22.78 7.37 3.12
CA SER A 49 24.06 7.72 3.75
C SER A 49 25.12 7.99 2.70
N TYR A 50 24.73 8.75 1.67
CA TYR A 50 25.59 9.11 0.54
C TYR A 50 26.08 7.88 -0.21
N SER A 51 25.20 6.90 -0.40
CA SER A 51 25.46 5.62 -1.05
C SER A 51 26.19 4.62 -0.17
N ALA A 52 26.38 4.89 1.12
CA ALA A 52 27.02 3.89 1.96
C ALA A 52 26.09 2.71 2.24
N VAL A 53 24.78 2.91 2.22
CA VAL A 53 23.88 1.78 2.40
C VAL A 53 23.14 1.49 1.10
N ASN A 54 23.89 1.43 -0.02
CA ASN A 54 23.29 0.95 -1.26
C ASN A 54 22.57 -0.37 -1.04
N GLN A 55 23.15 -1.24 -0.20
CA GLN A 55 22.57 -2.54 0.12
C GLN A 55 21.42 -2.46 1.11
N GLY A 56 20.94 -1.26 1.44
CA GLY A 56 19.97 -1.09 2.50
C GLY A 56 20.62 -1.12 3.88
N HIS A 57 19.92 -0.54 4.84
CA HIS A 57 20.43 -0.50 6.21
C HIS A 57 20.45 -1.89 6.81
N CYS A 58 21.55 -2.22 7.49
CA CYS A 58 21.66 -3.45 8.27
C CYS A 58 21.34 -4.70 7.44
N HIS A 59 21.96 -4.80 6.27
CA HIS A 59 21.71 -5.95 5.42
C HIS A 59 22.16 -7.22 6.15
N PRO A 60 21.32 -8.25 6.23
CA PRO A 60 21.61 -9.37 7.14
C PRO A 60 22.87 -10.14 6.79
N LYS A 61 23.24 -10.21 5.52
CA LYS A 61 24.45 -10.95 5.17
C LYS A 61 25.72 -10.19 5.60
N ILE A 62 25.72 -8.87 5.43
CA ILE A 62 26.86 -8.08 5.90
C ILE A 62 26.91 -8.09 7.41
N VAL A 63 25.74 -7.98 8.05
CA VAL A 63 25.65 -8.11 9.51
C VAL A 63 26.27 -9.42 9.96
N ASN A 64 25.92 -10.52 9.27
CA ASN A 64 26.42 -11.83 9.68
C ASN A 64 27.93 -11.94 9.48
N ALA A 65 28.46 -11.33 8.42
CA ALA A 65 29.91 -11.32 8.24
C ALA A 65 30.60 -10.59 9.38
N LEU A 66 30.07 -9.42 9.77
CA LEU A 66 30.64 -8.69 10.90
C LEU A 66 30.57 -9.51 12.18
N LYS A 67 29.41 -10.12 12.45
CA LYS A 67 29.25 -10.88 13.69
C LYS A 67 30.15 -12.09 13.74
N SER A 68 30.32 -12.77 12.60
CA SER A 68 31.19 -13.93 12.57
C SER A 68 32.65 -13.53 12.78
N GLN A 69 33.09 -12.44 12.15
CA GLN A 69 34.50 -12.08 12.26
C GLN A 69 34.84 -11.44 13.60
N VAL A 70 33.90 -10.72 14.22
CA VAL A 70 34.24 -10.01 15.44
C VAL A 70 34.59 -10.94 16.59
N ASP A 71 34.15 -12.20 16.52
CA ASP A 71 34.52 -13.19 17.53
C ASP A 71 35.92 -13.77 17.31
N LYS A 72 36.50 -13.59 16.12
CA LYS A 72 37.79 -14.17 15.79
C LYS A 72 38.95 -13.20 16.03
N LEU A 73 38.91 -12.05 15.36
CA LEU A 73 40.04 -11.14 15.28
C LEU A 73 39.59 -9.87 14.59
N THR A 74 39.90 -8.70 15.14
CA THR A 74 39.46 -7.46 14.50
C THR A 74 40.58 -6.55 14.06
N LEU A 75 41.77 -6.64 14.68
CA LEU A 75 42.85 -5.71 14.33
C LEU A 75 44.19 -6.20 14.90
N THR A 76 45.10 -6.60 14.01
CA THR A 76 46.49 -6.85 14.39
C THR A 76 47.39 -5.66 14.14
N SER A 77 46.92 -4.69 13.34
CA SER A 77 47.72 -3.67 12.67
C SER A 77 48.54 -4.31 11.56
N ARG A 78 49.13 -3.50 10.69
CA ARG A 78 49.90 -4.00 9.54
C ARG A 78 51.34 -4.33 9.90
N ALA A 79 51.71 -4.25 11.19
CA ALA A 79 52.99 -4.79 11.62
C ALA A 79 53.07 -6.31 11.48
N PHE A 80 51.92 -6.98 11.50
CA PHE A 80 51.85 -8.41 11.23
C PHE A 80 50.83 -8.64 10.13
N TYR A 81 50.74 -9.88 9.67
CA TYR A 81 49.71 -10.25 8.70
C TYR A 81 48.47 -10.78 9.43
N ASN A 82 47.30 -10.52 8.85
CA ASN A 82 46.10 -11.24 9.20
C ASN A 82 45.64 -12.06 8.00
N ASN A 83 44.85 -13.10 8.28
CA ASN A 83 44.50 -14.07 7.25
C ASN A 83 43.46 -13.55 6.26
N VAL A 84 42.73 -12.49 6.60
CA VAL A 84 41.58 -12.07 5.82
C VAL A 84 41.97 -11.11 4.70
N LEU A 85 42.91 -10.19 4.98
CA LEU A 85 43.18 -9.09 4.05
C LEU A 85 43.48 -9.58 2.65
N GLY A 86 44.30 -10.62 2.51
CA GLY A 86 44.65 -11.11 1.18
C GLY A 86 43.48 -11.70 0.44
N GLU A 87 42.59 -12.40 1.13
CA GLU A 87 41.39 -12.93 0.49
C GLU A 87 40.59 -11.79 -0.13
N TYR A 88 40.38 -10.73 0.65
CA TYR A 88 39.65 -9.57 0.17
C TYR A 88 40.37 -8.89 -0.98
N GLU A 89 41.70 -8.80 -0.92
CA GLU A 89 42.44 -8.14 -1.98
C GLU A 89 42.32 -8.89 -3.30
N GLU A 90 42.50 -10.22 -3.26
CA GLU A 90 42.28 -11.01 -4.46
C GLU A 90 40.87 -10.81 -4.99
N TYR A 91 39.89 -10.84 -4.08
CA TYR A 91 38.49 -10.73 -4.48
C TYR A 91 38.22 -9.40 -5.20
N ILE A 92 38.59 -8.28 -4.57
CA ILE A 92 38.22 -6.98 -5.11
C ILE A 92 39.05 -6.64 -6.34
N THR A 93 40.32 -7.07 -6.39
CA THR A 93 41.11 -6.81 -7.58
C THR A 93 40.59 -7.61 -8.78
N LYS A 94 40.18 -8.87 -8.56
CA LYS A 94 39.63 -9.62 -9.68
C LYS A 94 38.25 -9.11 -10.07
N LEU A 95 37.52 -8.52 -9.12
CA LEU A 95 36.20 -8.01 -9.44
C LEU A 95 36.28 -6.80 -10.37
N PHE A 96 37.22 -5.90 -10.12
CA PHE A 96 37.35 -4.68 -10.90
C PHE A 96 38.49 -4.73 -11.91
N ASN A 97 39.17 -5.86 -12.01
CA ASN A 97 40.28 -6.10 -12.95
CA ASN A 97 40.25 -6.07 -12.97
C ASN A 97 41.30 -4.96 -12.89
N TYR A 98 41.85 -4.78 -11.69
CA TYR A 98 43.06 -4.04 -11.45
C TYR A 98 44.01 -4.98 -10.74
N HIS A 99 45.32 -4.77 -10.90
CA HIS A 99 46.26 -5.72 -10.32
C HIS A 99 46.27 -5.63 -8.81
N LYS A 100 46.15 -4.44 -8.26
CA LYS A 100 46.36 -4.27 -6.83
C LYS A 100 45.39 -3.27 -6.25
N VAL A 101 45.18 -3.43 -4.94
CA VAL A 101 44.37 -2.52 -4.13
C VAL A 101 45.19 -2.11 -2.92
N LEU A 102 45.09 -0.84 -2.55
CA LEU A 102 45.60 -0.34 -1.29
C LEU A 102 44.41 -0.05 -0.40
N PRO A 103 44.27 -0.73 0.74
CA PRO A 103 43.09 -0.54 1.57
C PRO A 103 43.27 0.61 2.55
N MET A 104 42.23 1.42 2.69
CA MET A 104 42.20 2.48 3.69
C MET A 104 40.84 2.44 4.35
N ASN A 105 40.50 3.49 5.10
CA ASN A 105 39.28 3.49 5.89
C ASN A 105 38.23 4.44 5.34
N THR A 106 38.54 5.73 5.24
CA THR A 106 37.58 6.72 4.79
C THR A 106 37.83 7.09 3.33
N GLY A 107 36.84 7.75 2.73
CA GLY A 107 36.99 8.17 1.34
C GLY A 107 38.09 9.18 1.15
N VAL A 108 38.27 10.08 2.12
CA VAL A 108 39.30 11.10 1.94
C VAL A 108 40.67 10.48 2.07
N GLU A 109 40.81 9.43 2.88
CA GLU A 109 42.08 8.72 2.95
C GLU A 109 42.39 8.05 1.62
N ALA A 110 41.36 7.56 0.92
CA ALA A 110 41.59 7.02 -0.41
C ALA A 110 42.01 8.12 -1.38
N GLY A 111 41.40 9.30 -1.28
CA GLY A 111 41.79 10.39 -2.15
C GLY A 111 43.22 10.85 -1.90
N GLU A 112 43.60 10.99 -0.63
CA GLU A 112 44.97 11.35 -0.30
C GLU A 112 45.96 10.30 -0.79
N THR A 113 45.62 9.02 -0.60
CA THR A 113 46.47 7.94 -1.12
C THR A 113 46.64 8.08 -2.62
N ALA A 114 45.56 8.38 -3.34
CA ALA A 114 45.63 8.57 -4.78
C ALA A 114 46.52 9.75 -5.15
N CYS A 115 46.44 10.85 -4.40
CA CYS A 115 47.31 11.99 -4.70
C CYS A 115 48.76 11.64 -4.46
N LYS A 116 49.05 10.90 -3.38
CA LYS A 116 50.41 10.52 -3.08
C LYS A 116 50.96 9.57 -4.15
N LEU A 117 50.13 8.65 -4.63
CA LEU A 117 50.51 7.76 -5.72
C LEU A 117 50.81 8.55 -6.99
N ALA A 118 49.93 9.49 -7.32
CA ALA A 118 50.15 10.31 -8.52
C ALA A 118 51.44 11.09 -8.43
N ARG A 119 51.74 11.67 -7.26
CA ARG A 119 52.97 12.45 -7.12
C ARG A 119 54.20 11.55 -7.17
N LYS A 120 54.18 10.43 -6.44
CA LYS A 120 55.32 9.51 -6.47
C LYS A 120 55.56 8.96 -7.88
N TRP A 121 54.49 8.53 -8.57
CA TRP A 121 54.63 8.09 -9.95
C TRP A 121 55.15 9.21 -10.84
N GLY A 122 54.62 10.43 -10.67
CA GLY A 122 55.07 11.53 -11.51
C GLY A 122 56.53 11.84 -11.35
N TYR A 123 57.05 11.72 -10.12
CA TYR A 123 58.48 11.99 -9.91
C TYR A 123 59.35 10.83 -10.31
N THR A 124 58.98 9.60 -9.95
CA THR A 124 59.87 8.45 -10.13
C THR A 124 59.66 7.73 -11.46
N VAL A 125 58.52 7.90 -12.13
CA VAL A 125 58.27 7.24 -13.41
C VAL A 125 58.21 8.25 -14.55
N LYS A 126 57.35 9.25 -14.44
CA LYS A 126 57.21 10.23 -15.51
C LYS A 126 58.42 11.14 -15.58
N GLY A 127 59.07 11.42 -14.46
CA GLY A 127 60.28 12.20 -14.45
C GLY A 127 60.12 13.66 -14.11
N ILE A 128 58.97 14.06 -13.56
CA ILE A 128 58.79 15.44 -13.09
C ILE A 128 59.83 15.74 -12.01
N GLN A 129 60.37 16.97 -12.02
CA GLN A 129 61.28 17.39 -10.97
C GLN A 129 60.54 17.64 -9.65
N LYS A 130 61.11 17.14 -8.56
CA LYS A 130 60.63 17.51 -7.22
C LYS A 130 60.82 19.00 -7.02
N TYR A 131 59.78 19.68 -6.51
CA TYR A 131 58.45 19.10 -6.32
C TYR A 131 57.44 19.87 -7.19
N LYS A 132 57.53 19.65 -8.51
CA LYS A 132 56.75 20.41 -9.47
C LYS A 132 55.49 19.71 -9.92
N ALA A 133 55.20 18.52 -9.39
CA ALA A 133 54.05 17.77 -9.85
C ALA A 133 52.76 18.51 -9.53
N LYS A 134 51.85 18.49 -10.48
CA LYS A 134 50.55 19.12 -10.34
C LYS A 134 49.48 18.06 -10.47
N ILE A 135 48.38 18.27 -9.77
CA ILE A 135 47.20 17.44 -9.91
C ILE A 135 46.04 18.36 -10.24
N VAL A 136 45.27 18.01 -11.27
CA VAL A 136 44.17 18.84 -11.74
C VAL A 136 42.87 18.25 -11.20
N PHE A 137 41.96 19.14 -10.80
CA PHE A 137 40.66 18.78 -10.25
C PHE A 137 39.61 19.56 -11.02
N ALA A 138 38.35 19.13 -10.91
CA ALA A 138 37.25 19.84 -11.53
C ALA A 138 36.56 20.72 -10.49
N ALA A 139 36.16 21.91 -10.92
CA ALA A 139 35.37 22.78 -10.05
C ALA A 139 34.11 22.05 -9.61
N GLY A 140 33.73 22.24 -8.35
CA GLY A 140 32.64 21.49 -7.76
C GLY A 140 33.03 20.15 -7.15
N ASN A 141 34.31 19.78 -7.22
CA ASN A 141 34.74 18.51 -6.66
C ASN A 141 34.58 18.48 -5.16
N PHE A 142 34.29 17.29 -4.64
CA PHE A 142 34.29 17.04 -3.21
C PHE A 142 34.92 15.68 -2.99
N TRP A 143 36.02 15.63 -2.22
CA TRP A 143 36.55 14.33 -1.84
C TRP A 143 36.96 14.28 -0.37
N GLY A 144 36.43 15.15 0.46
CA GLY A 144 36.70 15.04 1.89
C GLY A 144 37.09 16.38 2.48
N ARG A 145 37.60 16.32 3.71
CA ARG A 145 37.73 17.49 4.56
C ARG A 145 39.12 17.69 5.14
N THR A 146 40.12 16.95 4.68
CA THR A 146 41.48 17.25 5.10
C THR A 146 41.93 18.58 4.51
N LEU A 147 43.07 19.07 5.02
CA LEU A 147 43.65 20.29 4.46
C LEU A 147 43.85 20.20 2.96
N SER A 148 44.41 19.08 2.49
CA SER A 148 44.60 18.89 1.05
C SER A 148 43.28 18.94 0.31
N ALA A 149 42.32 18.11 0.75
CA ALA A 149 41.05 17.98 0.06
C ALA A 149 40.40 19.34 -0.14
N ILE A 150 40.36 20.16 0.93
CA ILE A 150 39.74 21.47 0.79
C ILE A 150 40.64 22.44 0.02
N SER A 151 41.94 22.16 -0.07
CA SER A 151 42.80 22.96 -0.93
C SER A 151 42.42 22.83 -2.40
N SER A 152 41.78 21.72 -2.78
CA SER A 152 41.27 21.64 -4.16
C SER A 152 39.79 22.02 -4.30
N SER A 153 39.14 22.46 -3.23
CA SER A 153 37.72 22.78 -3.33
C SER A 153 37.51 24.16 -3.95
N THR A 154 36.37 24.33 -4.61
CA THR A 154 35.91 25.64 -5.05
C THR A 154 34.77 26.14 -4.18
N ASP A 155 34.43 25.40 -3.12
CA ASP A 155 33.37 25.81 -2.22
C ASP A 155 34.00 26.59 -1.06
N PRO A 156 33.73 27.89 -0.93
CA PRO A 156 34.39 28.67 0.13
C PRO A 156 34.10 28.17 1.53
N THR A 157 32.92 27.60 1.78
CA THR A 157 32.64 27.06 3.10
C THR A 157 33.60 25.95 3.46
N SER A 158 34.18 25.26 2.46
CA SER A 158 35.11 24.17 2.74
C SER A 158 36.49 24.70 3.12
N TYR A 159 36.98 25.76 2.45
CA TYR A 159 38.38 26.15 2.61
C TYR A 159 38.60 27.50 3.28
N ASP A 160 37.62 28.40 3.27
CA ASP A 160 37.82 29.71 3.85
C ASP A 160 38.15 29.59 5.34
N GLY A 161 39.19 30.29 5.76
CA GLY A 161 39.61 30.29 7.15
C GLY A 161 40.40 29.08 7.60
N PHE A 162 40.87 28.23 6.69
CA PHE A 162 41.55 27.01 7.11
C PHE A 162 43.03 26.99 6.71
N GLY A 163 43.72 28.12 6.96
CA GLY A 163 45.16 28.22 6.88
C GLY A 163 45.62 28.10 5.45
N PRO A 164 46.92 28.26 5.21
CA PRO A 164 47.43 28.19 3.84
C PRO A 164 47.19 26.82 3.25
N PHE A 165 47.22 26.74 1.92
CA PHE A 165 46.68 25.59 1.24
C PHE A 165 47.77 24.77 0.55
N MET A 166 47.46 23.50 0.33
CA MET A 166 48.35 22.59 -0.39
C MET A 166 48.63 23.15 -1.78
N PRO A 167 49.88 23.42 -2.11
CA PRO A 167 50.21 23.81 -3.47
C PRO A 167 50.21 22.60 -4.39
N GLY A 168 50.22 22.87 -5.69
CA GLY A 168 50.28 21.82 -6.68
C GLY A 168 48.94 21.31 -7.14
N PHE A 169 47.85 21.98 -6.78
CA PHE A 169 46.49 21.60 -7.14
C PHE A 169 45.93 22.67 -8.04
N ASP A 170 45.61 22.32 -9.28
CA ASP A 170 44.99 23.23 -10.22
C ASP A 170 43.54 22.82 -10.46
N ILE A 171 42.70 23.80 -10.79
CA ILE A 171 41.26 23.57 -10.89
C ILE A 171 40.80 24.03 -12.27
N ILE A 172 39.99 23.19 -12.93
CA ILE A 172 39.40 23.52 -14.21
C ILE A 172 37.91 23.23 -14.14
N PRO A 173 37.12 23.74 -15.07
CA PRO A 173 35.69 23.44 -15.04
C PRO A 173 35.40 21.95 -15.28
N TYR A 174 34.38 21.46 -14.59
CA TYR A 174 33.85 20.13 -14.83
C TYR A 174 33.23 20.05 -16.23
N ASN A 175 33.12 18.82 -16.76
CA ASN A 175 32.35 18.58 -18.00
C ASN A 175 32.87 19.46 -19.14
N ASP A 176 34.20 19.55 -19.24
CA ASP A 176 34.82 20.55 -20.11
C ASP A 176 36.11 19.95 -20.67
N LEU A 177 35.98 19.25 -21.81
CA LEU A 177 37.15 18.64 -22.46
CA LEU A 177 37.14 18.64 -22.47
C LEU A 177 38.16 19.64 -22.99
N PRO A 178 37.76 20.76 -23.61
CA PRO A 178 38.79 21.73 -24.03
C PRO A 178 39.60 22.30 -22.87
N ALA A 179 38.96 22.55 -21.72
CA ALA A 179 39.72 23.02 -20.56
C ALA A 179 40.71 21.97 -20.09
N LEU A 180 40.34 20.69 -20.15
CA LEU A 180 41.28 19.65 -19.77
C LEU A 180 42.47 19.61 -20.73
N GLU A 181 42.20 19.69 -22.04
CA GLU A 181 43.30 19.68 -23.01
C GLU A 181 44.27 20.84 -22.75
N ARG A 182 43.72 22.02 -22.52
CA ARG A 182 44.55 23.18 -22.24
C ARG A 182 45.34 23.01 -20.96
N ALA A 183 44.72 22.44 -19.92
CA ALA A 183 45.44 22.22 -18.67
C ALA A 183 46.54 21.19 -18.84
N LEU A 184 46.33 20.19 -19.70
CA LEU A 184 47.28 19.09 -19.83
C LEU A 184 48.41 19.41 -20.77
N GLN A 185 48.39 20.58 -21.43
CA GLN A 185 49.61 21.02 -22.09
C GLN A 185 50.78 21.15 -21.11
N ASP A 186 50.53 21.35 -19.81
CA ASP A 186 51.62 21.47 -18.84
C ASP A 186 52.27 20.11 -18.60
N PRO A 187 53.57 19.96 -18.88
CA PRO A 187 54.21 18.65 -18.70
C PRO A 187 54.30 18.19 -17.25
N ASN A 188 54.13 19.10 -16.29
CA ASN A 188 54.27 18.75 -14.89
C ASN A 188 52.98 18.24 -14.26
N VAL A 189 51.90 18.13 -15.02
CA VAL A 189 50.68 17.52 -14.49
C VAL A 189 50.89 16.02 -14.36
N ALA A 190 50.74 15.50 -13.15
CA ALA A 190 50.83 14.05 -12.96
C ALA A 190 49.48 13.36 -13.05
N ALA A 191 48.39 14.03 -12.66
CA ALA A 191 47.10 13.36 -12.61
C ALA A 191 45.97 14.37 -12.76
N PHE A 192 44.82 13.84 -13.16
CA PHE A 192 43.53 14.52 -13.14
C PHE A 192 42.56 13.64 -12.36
N MET A 193 42.03 14.19 -11.27
N MET A 193 42.06 14.16 -11.24
CA MET A 193 41.06 13.49 -10.43
CA MET A 193 41.05 13.44 -10.47
C MET A 193 39.67 14.06 -10.68
C MET A 193 39.68 14.06 -10.73
N VAL A 194 38.69 13.19 -10.89
CA VAL A 194 37.35 13.63 -11.27
C VAL A 194 36.33 12.57 -10.85
N GLU A 195 35.14 13.03 -10.45
CA GLU A 195 33.96 12.21 -10.20
C GLU A 195 33.22 11.97 -11.49
N PRO A 196 32.88 10.73 -11.86
CA PRO A 196 32.11 10.52 -13.10
C PRO A 196 30.78 11.22 -13.04
N ILE A 197 30.25 11.44 -11.84
CA ILE A 197 29.09 12.28 -11.56
C ILE A 197 29.39 12.99 -10.25
N GLN A 198 29.29 14.31 -10.24
CA GLN A 198 29.63 15.05 -9.04
C GLN A 198 28.49 14.95 -8.04
N GLY A 199 28.76 14.36 -6.88
CA GLY A 199 27.73 14.13 -5.89
C GLY A 199 27.43 15.34 -5.04
N GLU A 200 28.39 15.77 -4.23
CA GLU A 200 28.16 16.90 -3.33
C GLU A 200 27.79 18.16 -4.10
N ALA A 201 28.24 18.29 -5.34
CA ALA A 201 27.92 19.47 -6.14
C ALA A 201 26.46 19.51 -6.56
N GLY A 202 25.73 18.40 -6.42
CA GLY A 202 24.31 18.36 -6.71
C GLY A 202 23.96 17.38 -7.81
N VAL A 203 24.65 16.24 -7.85
CA VAL A 203 24.41 15.21 -8.86
C VAL A 203 24.53 15.84 -10.24
N VAL A 204 25.71 16.38 -10.54
CA VAL A 204 25.98 17.00 -11.83
C VAL A 204 26.48 15.90 -12.76
N VAL A 205 25.67 15.57 -13.77
CA VAL A 205 26.01 14.50 -14.72
C VAL A 205 26.65 15.15 -15.91
N PRO A 206 27.89 14.82 -16.26
CA PRO A 206 28.54 15.43 -17.42
C PRO A 206 27.94 14.89 -18.71
N ASP A 207 28.27 15.54 -19.81
CA ASP A 207 27.66 15.21 -21.08
C ASP A 207 28.18 13.86 -21.60
N PRO A 208 27.36 13.12 -22.36
CA PRO A 208 27.87 11.92 -23.03
C PRO A 208 29.20 12.18 -23.72
N GLY A 209 30.16 11.29 -23.54
CA GLY A 209 31.45 11.42 -24.16
C GLY A 209 32.51 12.08 -23.29
N TYR A 210 32.10 12.75 -22.21
CA TYR A 210 33.07 13.42 -21.34
C TYR A 210 34.10 12.44 -20.79
N LEU A 211 33.64 11.31 -20.24
CA LEU A 211 34.58 10.38 -19.64
C LEU A 211 35.52 9.79 -20.69
N MET A 212 34.99 9.47 -21.87
CA MET A 212 35.82 8.96 -22.96
C MET A 212 36.89 9.97 -23.34
N GLY A 213 36.51 11.24 -23.47
CA GLY A 213 37.47 12.28 -23.79
C GLY A 213 38.51 12.49 -22.71
N VAL A 214 38.08 12.40 -21.44
CA VAL A 214 39.04 12.49 -20.35
C VAL A 214 40.06 11.36 -20.44
N ARG A 215 39.59 10.15 -20.67
CA ARG A 215 40.50 9.01 -20.81
C ARG A 215 41.48 9.21 -21.96
N GLU A 216 40.98 9.63 -23.13
CA GLU A 216 41.87 9.86 -24.27
C GLU A 216 42.89 10.95 -23.97
N LEU A 217 42.45 12.06 -23.38
CA LEU A 217 43.37 13.15 -23.08
C LEU A 217 44.42 12.72 -22.07
N CYS A 218 44.01 12.01 -21.02
CA CYS A 218 44.97 11.59 -20.00
C CYS A 218 46.01 10.66 -20.61
N THR A 219 45.56 9.72 -21.46
CA THR A 219 46.52 8.82 -22.09
C THR A 219 47.46 9.57 -23.02
N ARG A 220 46.92 10.52 -23.79
CA ARG A 220 47.74 11.21 -24.78
C ARG A 220 48.86 12.01 -24.14
N HIS A 221 48.65 12.53 -22.93
CA HIS A 221 49.62 13.41 -22.30
C HIS A 221 50.33 12.74 -21.12
N GLN A 222 50.35 11.42 -21.10
CA GLN A 222 50.80 10.60 -19.96
C GLN A 222 50.43 11.24 -18.63
N VAL A 223 49.13 11.32 -18.38
CA VAL A 223 48.58 11.84 -17.13
C VAL A 223 47.68 10.76 -16.55
N LEU A 224 47.73 10.58 -15.24
CA LEU A 224 46.93 9.54 -14.60
C LEU A 224 45.48 10.00 -14.46
N PHE A 225 44.55 9.15 -14.89
CA PHE A 225 43.11 9.38 -14.76
C PHE A 225 42.66 8.76 -13.43
N ILE A 226 42.42 9.60 -12.42
CA ILE A 226 41.87 9.16 -11.14
C ILE A 226 40.36 9.38 -11.16
N ALA A 227 39.61 8.30 -11.08
CA ALA A 227 38.16 8.36 -11.02
C ALA A 227 37.73 8.16 -9.58
N ASP A 228 37.12 9.19 -9.02
CA ASP A 228 36.56 9.11 -7.67
C ASP A 228 35.16 8.50 -7.78
N GLU A 229 35.03 7.21 -7.46
CA GLU A 229 33.76 6.50 -7.51
C GLU A 229 33.26 6.14 -6.11
N ILE A 230 33.67 6.91 -5.11
CA ILE A 230 33.29 6.63 -3.73
C ILE A 230 31.79 6.74 -3.54
N GLN A 231 31.16 7.71 -4.22
CA GLN A 231 29.70 7.77 -4.23
C GLN A 231 29.07 7.09 -5.45
N THR A 232 29.64 7.27 -6.64
CA THR A 232 29.02 6.81 -7.87
C THR A 232 29.20 5.31 -8.12
N GLY A 233 30.11 4.65 -7.44
CA GLY A 233 30.40 3.27 -7.74
C GLY A 233 29.46 2.30 -7.05
N LEU A 234 29.75 1.01 -7.24
CA LEU A 234 29.09 -0.05 -6.50
C LEU A 234 27.57 0.00 -6.69
N ALA A 235 27.16 0.07 -7.96
CA ALA A 235 25.81 -0.13 -8.49
C ALA A 235 24.90 1.09 -8.36
N ARG A 236 25.32 2.18 -7.71
CA ARG A 236 24.41 3.28 -7.41
C ARG A 236 23.86 3.94 -8.68
N THR A 237 24.70 4.05 -9.72
CA THR A 237 24.28 4.64 -10.99
C THR A 237 23.79 3.61 -11.99
N GLY A 238 23.73 2.33 -11.63
CA GLY A 238 23.27 1.30 -12.55
C GLY A 238 24.36 0.48 -13.20
N ARG A 239 25.63 0.73 -12.87
CA ARG A 239 26.74 -0.10 -13.29
C ARG A 239 27.62 -0.32 -12.09
N TRP A 240 28.50 -1.33 -12.18
CA TRP A 240 29.49 -1.53 -11.14
C TRP A 240 30.27 -0.24 -10.88
N LEU A 241 30.59 0.48 -11.95
CA LEU A 241 31.21 1.80 -11.88
C LEU A 241 30.47 2.73 -12.83
N ALA A 242 30.27 3.98 -12.42
CA ALA A 242 29.66 4.96 -13.32
C ALA A 242 30.45 5.05 -14.62
N VAL A 243 31.76 4.86 -14.55
CA VAL A 243 32.62 4.96 -15.72
C VAL A 243 32.31 3.84 -16.72
N ASP A 244 31.75 2.71 -16.24
CA ASP A 244 31.34 1.65 -17.14
C ASP A 244 30.30 2.11 -18.15
N TYR A 245 29.57 3.20 -17.88
CA TYR A 245 28.62 3.66 -18.89
C TYR A 245 29.31 4.02 -20.20
N GLU A 246 30.59 4.41 -20.15
CA GLU A 246 31.29 4.78 -21.38
C GLU A 246 32.47 3.86 -21.67
N ASN A 247 32.51 2.69 -21.05
CA ASN A 247 33.56 1.70 -21.26
C ASN A 247 34.94 2.34 -21.11
N VAL A 248 35.10 3.08 -20.02
CA VAL A 248 36.33 3.82 -19.76
C VAL A 248 37.06 3.15 -18.61
N ARG A 249 38.36 2.93 -18.78
CA ARG A 249 39.19 2.35 -17.74
C ARG A 249 40.09 3.42 -17.14
N PRO A 250 39.77 3.96 -15.97
CA PRO A 250 40.66 4.91 -15.32
C PRO A 250 41.95 4.24 -14.88
N ASP A 251 42.96 5.08 -14.63
CA ASP A 251 44.24 4.58 -14.11
C ASP A 251 44.16 4.27 -12.62
N ILE A 252 43.44 5.10 -11.85
CA ILE A 252 43.22 4.84 -10.43
C ILE A 252 41.72 4.96 -10.19
N VAL A 253 41.14 3.98 -9.51
CA VAL A 253 39.73 4.02 -9.13
C VAL A 253 39.64 4.06 -7.62
N LEU A 254 38.87 5.02 -7.10
CA LEU A 254 38.65 5.14 -5.66
C LEU A 254 37.27 4.59 -5.30
N LEU A 255 37.23 3.68 -4.32
CA LEU A 255 35.98 3.14 -3.82
C LEU A 255 35.85 3.43 -2.32
N GLY A 256 34.60 3.50 -1.86
CA GLY A 256 34.31 3.65 -0.45
C GLY A 256 32.84 3.43 -0.14
N LYS A 257 32.37 3.99 0.98
CA LYS A 257 30.97 3.99 1.36
C LYS A 257 30.32 2.62 1.22
N ALA A 258 29.57 2.40 0.13
CA ALA A 258 28.88 1.13 -0.09
C ALA A 258 29.81 -0.07 0.03
N LEU A 259 31.12 0.19 -0.04
CA LEU A 259 32.11 -0.87 0.06
C LEU A 259 31.93 -1.69 1.33
N SER A 260 31.33 -1.11 2.36
CA SER A 260 31.04 -1.86 3.58
C SER A 260 29.55 -2.01 3.85
N GLY A 261 28.68 -1.50 2.98
CA GLY A 261 27.26 -1.51 3.30
C GLY A 261 26.89 -0.66 4.50
N GLY A 262 27.77 0.26 4.89
CA GLY A 262 27.53 1.14 6.03
C GLY A 262 27.92 0.57 7.37
N LEU A 263 28.51 -0.63 7.41
CA LEU A 263 28.81 -1.28 8.68
C LEU A 263 30.21 -0.97 9.21
N TYR A 264 31.07 -0.32 8.41
CA TYR A 264 32.47 -0.17 8.77
C TYR A 264 33.14 0.79 7.81
N PRO A 265 33.97 1.73 8.27
CA PRO A 265 34.67 2.61 7.31
C PRO A 265 35.70 1.84 6.52
N VAL A 266 35.37 1.46 5.28
CA VAL A 266 36.31 0.80 4.40
C VAL A 266 36.41 1.61 3.11
N SER A 267 37.63 1.90 2.68
CA SER A 267 37.84 2.49 1.36
C SER A 267 38.94 1.74 0.64
N ALA A 268 38.99 1.89 -0.68
CA ALA A 268 39.92 1.14 -1.50
C ALA A 268 40.49 2.03 -2.60
N VAL A 269 41.77 1.85 -2.89
CA VAL A 269 42.42 2.49 -4.03
C VAL A 269 42.86 1.38 -4.96
N LEU A 270 42.34 1.35 -6.17
CA LEU A 270 42.66 0.29 -7.13
C LEU A 270 43.51 0.86 -8.24
N CYS A 271 44.59 0.14 -8.58
CA CYS A 271 45.36 0.47 -9.78
C CYS A 271 46.27 -0.69 -10.11
N ASP A 272 47.03 -0.55 -11.20
CA ASP A 272 47.95 -1.56 -11.67
C ASP A 272 49.35 -1.32 -11.10
N ASP A 273 50.22 -2.30 -11.34
CA ASP A 273 51.51 -2.35 -10.66
C ASP A 273 52.34 -1.09 -10.94
N ASP A 274 52.39 -0.66 -12.20
CA ASP A 274 53.27 0.44 -12.58
C ASP A 274 52.98 1.70 -11.79
N ILE A 275 51.77 1.85 -11.27
CA ILE A 275 51.41 2.94 -10.38
C ILE A 275 51.56 2.55 -8.92
N MET A 276 50.95 1.43 -8.53
CA MET A 276 50.86 1.09 -7.11
C MET A 276 52.23 0.92 -6.48
N LEU A 277 53.14 0.29 -7.20
CA LEU A 277 54.41 -0.11 -6.62
C LEU A 277 55.43 1.03 -6.57
N THR A 278 55.04 2.25 -6.94
CA THR A 278 55.92 3.39 -6.70
C THR A 278 56.01 3.73 -5.23
N ILE A 279 55.06 3.28 -4.43
CA ILE A 279 55.11 3.44 -2.99
C ILE A 279 55.76 2.18 -2.42
N LYS A 280 56.89 2.35 -1.75
CA LYS A 280 57.68 1.25 -1.21
C LYS A 280 57.29 0.96 0.23
N PRO A 281 57.73 -0.18 0.78
CA PRO A 281 57.39 -0.50 2.17
C PRO A 281 57.83 0.61 3.12
N GLY A 282 56.93 0.97 4.04
CA GLY A 282 57.21 2.00 5.01
C GLY A 282 56.82 3.40 4.59
N GLU A 283 56.39 3.59 3.34
CA GLU A 283 56.15 4.92 2.80
C GLU A 283 54.70 5.37 2.85
N HIS A 284 53.77 4.51 3.25
CA HIS A 284 52.37 4.91 3.35
C HIS A 284 51.60 3.85 4.13
N GLY A 285 50.56 4.29 4.85
CA GLY A 285 49.70 3.33 5.50
C GLY A 285 48.71 3.97 6.44
N SER A 286 48.25 3.16 7.40
CA SER A 286 47.12 3.48 8.25
C SER A 286 46.93 2.36 9.29
N THR A 287 46.59 2.73 10.53
CA THR A 287 46.39 1.75 11.59
C THR A 287 45.33 0.73 11.22
N TYR A 288 44.13 1.21 10.89
CA TYR A 288 42.99 0.35 10.64
C TYR A 288 42.88 -0.13 9.21
N GLY A 289 43.70 0.40 8.31
CA GLY A 289 43.60 0.02 6.91
C GLY A 289 43.86 -1.46 6.69
N GLY A 290 42.89 -2.16 6.09
CA GLY A 290 43.07 -3.55 5.79
C GLY A 290 42.89 -4.47 6.98
N ASN A 291 42.28 -4.00 8.06
CA ASN A 291 42.03 -4.86 9.21
C ASN A 291 41.02 -5.95 8.84
N PRO A 292 41.09 -7.11 9.50
CA PRO A 292 40.28 -8.25 9.03
C PRO A 292 38.78 -8.05 9.18
N LEU A 293 38.33 -7.29 10.17
CA LEU A 293 36.89 -7.07 10.34
C LEU A 293 36.30 -6.30 9.14
N GLY A 294 36.93 -5.17 8.81
CA GLY A 294 36.49 -4.41 7.65
C GLY A 294 36.55 -5.22 6.37
N CYS A 295 37.57 -6.06 6.23
CA CYS A 295 37.70 -6.88 5.04
C CYS A 295 36.58 -7.90 4.91
N ARG A 296 36.21 -8.56 6.03
CA ARG A 296 35.10 -9.51 5.95
C ARG A 296 33.80 -8.80 5.56
N VAL A 297 33.53 -7.65 6.17
CA VAL A 297 32.28 -7.01 5.79
C VAL A 297 32.33 -6.49 4.36
N ALA A 298 33.51 -6.09 3.86
CA ALA A 298 33.60 -5.58 2.49
C ALA A 298 33.39 -6.71 1.47
N ILE A 299 33.94 -7.90 1.76
CA ILE A 299 33.66 -9.06 0.93
C ILE A 299 32.15 -9.30 0.86
N ALA A 300 31.50 -9.34 2.04
CA ALA A 300 30.06 -9.58 2.07
C ALA A 300 29.29 -8.48 1.32
N ALA A 301 29.70 -7.22 1.47
CA ALA A 301 28.97 -6.12 0.84
C ALA A 301 29.07 -6.18 -0.68
N LEU A 302 30.27 -6.44 -1.21
CA LEU A 302 30.41 -6.63 -2.66
C LEU A 302 29.59 -7.83 -3.14
N GLU A 303 29.60 -8.91 -2.36
CA GLU A 303 28.82 -10.08 -2.75
C GLU A 303 27.33 -9.77 -2.80
N VAL A 304 26.84 -8.99 -1.85
CA VAL A 304 25.43 -8.58 -1.88
C VAL A 304 25.13 -7.80 -3.15
N LEU A 305 26.00 -6.84 -3.48
CA LEU A 305 25.79 -6.07 -4.70
C LEU A 305 25.70 -6.98 -5.93
N GLU A 306 26.57 -7.98 -6.03
CA GLU A 306 26.55 -8.84 -7.21
C GLU A 306 25.32 -9.76 -7.20
N GLU A 307 25.08 -10.44 -6.08
CA GLU A 307 24.10 -11.53 -6.05
C GLU A 307 22.67 -11.04 -6.19
N GLU A 308 22.36 -9.85 -5.67
CA GLU A 308 21.02 -9.31 -5.78
C GLU A 308 20.85 -8.42 -7.01
N ASN A 309 21.86 -8.39 -7.88
CA ASN A 309 21.79 -7.68 -9.17
C ASN A 309 21.33 -6.24 -8.97
N LEU A 310 21.94 -5.56 -8.00
CA LEU A 310 21.44 -4.25 -7.61
C LEU A 310 21.74 -3.18 -8.66
N ALA A 311 22.75 -3.39 -9.51
CA ALA A 311 23.01 -2.40 -10.56
C ALA A 311 21.89 -2.37 -11.58
N GLU A 312 21.46 -3.54 -12.04
CA GLU A 312 20.33 -3.59 -12.98
C GLU A 312 19.08 -2.99 -12.35
N ASN A 313 18.83 -3.29 -11.08
CA ASN A 313 17.67 -2.72 -10.41
C ASN A 313 17.76 -1.21 -10.34
N ALA A 314 18.96 -0.69 -10.04
CA ALA A 314 19.15 0.76 -9.96
C ALA A 314 18.93 1.40 -11.31
N ASP A 315 19.41 0.78 -12.38
CA ASP A 315 19.18 1.29 -13.72
C ASP A 315 17.68 1.39 -14.03
N LYS A 316 16.95 0.29 -13.83
CA LYS A 316 15.53 0.29 -14.17
C LYS A 316 14.73 1.27 -13.31
N LEU A 317 14.89 1.18 -11.99
CA LEU A 317 14.09 2.03 -11.12
C LEU A 317 14.52 3.49 -11.25
N GLY A 318 15.76 3.77 -11.64
CA GLY A 318 16.16 5.14 -11.87
C GLY A 318 15.50 5.74 -13.10
N ILE A 319 15.37 4.93 -14.17
CA ILE A 319 14.57 5.39 -15.31
C ILE A 319 13.16 5.77 -14.86
N ILE A 320 12.53 4.89 -14.07
CA ILE A 320 11.18 5.18 -13.59
C ILE A 320 11.15 6.47 -12.78
N LEU A 321 12.10 6.59 -11.83
CA LEU A 321 12.13 7.74 -10.92
C LEU A 321 12.28 9.05 -11.69
N ARG A 322 13.22 9.09 -12.64
CA ARG A 322 13.41 10.34 -13.38
C ARG A 322 12.20 10.68 -14.25
N ASN A 323 11.59 9.69 -14.89
CA ASN A 323 10.40 10.00 -15.69
C ASN A 323 9.29 10.60 -14.83
N GLU A 324 9.02 9.96 -13.69
CA GLU A 324 7.97 10.47 -12.81
C GLU A 324 8.31 11.87 -12.30
N LEU A 325 9.56 12.09 -11.90
CA LEU A 325 9.96 13.40 -11.41
C LEU A 325 9.84 14.46 -12.50
N MET A 326 10.11 14.10 -13.76
CA MET A 326 9.95 15.05 -14.84
C MET A 326 8.47 15.36 -15.09
N LYS A 327 7.56 14.51 -14.65
CA LYS A 327 6.17 14.94 -14.76
C LYS A 327 5.78 16.04 -13.76
N LEU A 328 6.69 16.55 -12.92
CA LEU A 328 6.38 17.62 -11.99
C LEU A 328 6.43 18.99 -12.69
N PRO A 329 5.73 19.99 -12.16
CA PRO A 329 5.54 21.26 -12.91
C PRO A 329 6.84 22.01 -13.10
N SER A 330 7.06 22.49 -14.33
CA SER A 330 8.19 23.37 -14.63
C SER A 330 8.17 24.62 -13.76
N ASP A 331 6.99 25.05 -13.31
CA ASP A 331 6.89 26.20 -12.42
C ASP A 331 7.61 26.00 -11.10
N VAL A 332 7.93 24.75 -10.74
CA VAL A 332 8.30 24.43 -9.38
C VAL A 332 9.59 23.61 -9.35
N VAL A 333 9.68 22.61 -10.22
CA VAL A 333 10.89 21.80 -10.35
C VAL A 333 11.61 22.27 -11.60
N THR A 334 12.75 22.93 -11.40
CA THR A 334 13.49 23.51 -12.52
C THR A 334 14.28 22.46 -13.29
N ALA A 335 14.78 21.44 -12.60
CA ALA A 335 15.59 20.44 -13.29
C ALA A 335 15.48 19.08 -12.60
N VAL A 336 15.61 18.03 -13.40
CA VAL A 336 15.74 16.66 -12.90
C VAL A 336 16.97 16.05 -13.53
N ARG A 337 17.81 15.40 -12.74
CA ARG A 337 19.01 14.84 -13.33
C ARG A 337 19.49 13.66 -12.49
N GLY A 338 20.33 12.83 -13.13
CA GLY A 338 20.90 11.71 -12.44
C GLY A 338 21.08 10.48 -13.31
N LYS A 339 21.66 9.45 -12.71
CA LYS A 339 21.84 8.16 -13.35
C LYS A 339 21.57 7.08 -12.32
N GLY A 340 20.95 5.98 -12.77
CA GLY A 340 20.52 4.95 -11.84
C GLY A 340 19.71 5.57 -10.72
N LEU A 341 20.01 5.18 -9.48
CA LEU A 341 19.36 5.72 -8.31
C LEU A 341 20.17 6.80 -7.62
N LEU A 342 21.02 7.51 -8.36
CA LEU A 342 21.61 8.75 -7.88
C LEU A 342 20.92 9.85 -8.68
N ASN A 343 19.99 10.56 -8.05
CA ASN A 343 19.26 11.60 -8.78
C ASN A 343 19.12 12.84 -7.91
N ALA A 344 18.73 13.93 -8.55
CA ALA A 344 18.46 15.16 -7.82
C ALA A 344 17.49 16.01 -8.63
N ILE A 345 16.78 16.87 -7.92
CA ILE A 345 15.91 17.86 -8.53
C ILE A 345 16.40 19.24 -8.11
N VAL A 346 16.18 20.20 -8.98
CA VAL A 346 16.41 21.62 -8.70
C VAL A 346 15.06 22.31 -8.72
N ILE A 347 14.73 22.95 -7.61
CA ILE A 347 13.46 23.65 -7.44
C ILE A 347 13.68 25.13 -7.75
N LYS A 348 12.57 25.83 -8.00
CA LYS A 348 12.60 27.27 -8.24
C LYS A 348 12.49 27.96 -6.89
N GLU A 349 13.63 28.14 -6.24
CA GLU A 349 13.69 28.73 -4.91
C GLU A 349 13.23 30.19 -4.93
N THR A 350 12.36 30.54 -3.99
CA THR A 350 11.93 31.90 -3.72
C THR A 350 12.49 32.32 -2.36
N LYS A 351 11.79 33.21 -1.67
CA LYS A 351 12.02 33.40 -0.24
C LYS A 351 10.97 32.70 0.60
N ASP A 352 9.73 32.62 0.12
CA ASP A 352 8.69 31.84 0.77
C ASP A 352 9.01 30.34 0.79
N TRP A 353 10.07 29.90 0.11
CA TRP A 353 10.16 28.49 -0.27
C TRP A 353 11.56 28.13 -0.73
N ASP A 354 12.18 27.14 -0.08
CA ASP A 354 13.52 26.68 -0.44
C ASP A 354 13.59 25.17 -0.27
N ALA A 355 14.77 24.60 -0.60
CA ALA A 355 14.96 23.16 -0.50
C ALA A 355 14.86 22.66 0.93
N TRP A 356 15.31 23.49 1.89
CA TRP A 356 15.26 23.09 3.29
C TRP A 356 13.82 22.90 3.74
N LYS A 357 12.92 23.80 3.35
CA LYS A 357 11.51 23.64 3.71
C LYS A 357 10.90 22.44 3.01
N VAL A 358 11.26 22.21 1.75
CA VAL A 358 10.74 21.04 1.04
C VAL A 358 11.16 19.77 1.76
N CYS A 359 12.39 19.74 2.26
CA CYS A 359 12.87 18.53 2.95
C CYS A 359 12.25 18.38 4.34
N LEU A 360 12.01 19.49 5.06
CA LEU A 360 11.25 19.41 6.29
C LEU A 360 9.88 18.79 6.04
N ARG A 361 9.21 19.20 4.96
CA ARG A 361 7.87 18.67 4.71
C ARG A 361 7.90 17.24 4.19
N LEU A 362 8.90 16.89 3.37
CA LEU A 362 9.10 15.48 3.02
C LEU A 362 9.28 14.64 4.27
N ARG A 363 10.05 15.14 5.23
CA ARG A 363 10.18 14.47 6.51
C ARG A 363 8.82 14.30 7.16
N ASP A 364 8.03 15.37 7.21
CA ASP A 364 6.69 15.28 7.78
C ASP A 364 5.87 14.17 7.13
N ASN A 365 6.04 13.97 5.82
CA ASN A 365 5.23 13.02 5.07
C ASN A 365 5.90 11.65 4.90
N GLY A 366 6.99 11.41 5.61
CA GLY A 366 7.57 10.07 5.67
C GLY A 366 8.70 9.77 4.72
N LEU A 367 9.41 10.78 4.21
CA LEU A 367 10.54 10.57 3.33
C LEU A 367 11.68 11.49 3.74
N LEU A 368 12.89 10.95 3.81
CA LEU A 368 14.06 11.69 4.30
C LEU A 368 15.02 11.97 3.15
N ALA A 369 15.24 13.25 2.85
CA ALA A 369 16.11 13.67 1.77
C ALA A 369 16.95 14.84 2.22
N LYS A 370 18.11 14.99 1.59
CA LYS A 370 19.07 16.01 1.95
C LYS A 370 19.05 17.14 0.93
N PRO A 371 18.97 18.40 1.37
CA PRO A 371 19.18 19.53 0.47
C PRO A 371 20.65 19.90 0.43
N THR A 372 21.07 20.43 -0.72
CA THR A 372 22.50 20.55 -0.96
C THR A 372 22.99 21.96 -1.22
N HIS A 373 22.10 22.96 -1.25
CA HIS A 373 22.52 24.35 -1.38
C HIS A 373 21.36 25.32 -1.13
N GLY A 374 20.13 24.82 -1.11
CA GLY A 374 18.96 25.67 -1.04
C GLY A 374 18.07 25.58 -2.24
N ASP A 375 18.51 24.94 -3.32
CA ASP A 375 17.66 24.69 -4.47
C ASP A 375 17.78 23.27 -5.02
N ILE A 376 18.64 22.42 -4.45
CA ILE A 376 18.87 21.06 -4.92
C ILE A 376 18.44 20.10 -3.83
N ILE A 377 17.72 19.06 -4.22
CA ILE A 377 17.37 17.97 -3.31
C ILE A 377 17.77 16.66 -4.00
N ARG A 378 18.58 15.87 -3.31
CA ARG A 378 18.95 14.55 -3.83
C ARG A 378 17.87 13.52 -3.51
N PHE A 379 17.62 12.64 -4.47
CA PHE A 379 16.78 11.46 -4.29
C PHE A 379 17.63 10.24 -4.61
N ALA A 380 17.93 9.46 -3.57
CA ALA A 380 18.91 8.37 -3.66
C ALA A 380 18.53 7.30 -2.65
N PRO A 381 17.51 6.50 -2.93
CA PRO A 381 17.11 5.43 -2.02
C PRO A 381 18.03 4.24 -2.14
N PRO A 382 18.06 3.36 -1.14
CA PRO A 382 18.90 2.16 -1.25
C PRO A 382 18.50 1.31 -2.46
N LEU A 383 19.47 0.58 -3.00
CA LEU A 383 19.28 -0.08 -4.28
C LEU A 383 18.40 -1.33 -4.18
N VAL A 384 18.05 -1.76 -2.97
CA VAL A 384 17.19 -2.93 -2.79
C VAL A 384 15.73 -2.52 -2.81
N ILE A 385 15.46 -1.25 -3.11
CA ILE A 385 14.07 -0.79 -3.13
C ILE A 385 13.33 -1.48 -4.28
N LYS A 386 12.08 -1.83 -4.05
CA LYS A 386 11.24 -2.43 -5.08
C LYS A 386 10.43 -1.36 -5.79
N GLU A 387 9.92 -1.70 -6.97
CA GLU A 387 9.21 -0.72 -7.79
C GLU A 387 7.99 -0.15 -7.06
N ASP A 388 7.25 -0.99 -6.33
CA ASP A 388 6.07 -0.48 -5.64
C ASP A 388 6.45 0.45 -4.50
N GLU A 389 7.48 0.10 -3.74
CA GLU A 389 8.00 1.02 -2.72
C GLU A 389 8.47 2.32 -3.35
N LEU A 390 9.11 2.23 -4.52
CA LEU A 390 9.56 3.43 -5.22
C LEU A 390 8.38 4.30 -5.65
N ARG A 391 7.30 3.69 -6.15
CA ARG A 391 6.16 4.49 -6.61
C ARG A 391 5.43 5.12 -5.42
N GLU A 392 5.37 4.42 -4.28
CA GLU A 392 4.84 5.05 -3.07
C GLU A 392 5.68 6.26 -2.67
N SER A 393 7.01 6.12 -2.72
CA SER A 393 7.89 7.24 -2.39
C SER A 393 7.71 8.39 -3.37
N ILE A 394 7.55 8.08 -4.65
CA ILE A 394 7.35 9.11 -5.66
C ILE A 394 6.06 9.86 -5.39
N GLU A 395 5.02 9.15 -4.94
CA GLU A 395 3.79 9.86 -4.58
C GLU A 395 3.97 10.73 -3.35
N ILE A 396 4.79 10.29 -2.37
CA ILE A 396 5.12 11.17 -1.26
C ILE A 396 5.78 12.45 -1.78
N ILE A 397 6.72 12.30 -2.71
CA ILE A 397 7.40 13.46 -3.29
C ILE A 397 6.40 14.37 -3.99
N ASN A 398 5.46 13.80 -4.74
CA ASN A 398 4.47 14.60 -5.46
C ASN A 398 3.56 15.35 -4.50
N LYS A 399 3.03 14.64 -3.49
CA LYS A 399 2.22 15.27 -2.46
C LYS A 399 2.95 16.47 -1.86
N THR A 400 4.22 16.28 -1.52
CA THR A 400 4.98 17.33 -0.84
C THR A 400 5.22 18.51 -1.75
N ILE A 401 5.72 18.26 -2.97
CA ILE A 401 6.03 19.36 -3.89
C ILE A 401 4.78 20.15 -4.21
N LEU A 402 3.66 19.47 -4.43
CA LEU A 402 2.43 20.17 -4.79
C LEU A 402 1.66 20.68 -3.59
N SER A 403 2.13 20.42 -2.37
CA SER A 403 1.51 20.99 -1.18
C SER A 403 1.79 22.48 -1.05
N PHE A 404 2.80 23.00 -1.73
CA PHE A 404 3.21 24.38 -1.55
C PHE A 404 2.45 25.32 -2.47
N PRO B 3 -5.87 20.51 9.36
CA PRO B 3 -6.87 20.70 8.31
C PRO B 3 -7.42 19.37 7.81
N THR B 4 -7.94 18.55 8.73
CA THR B 4 -8.32 17.18 8.42
C THR B 4 -9.61 17.15 7.62
N SER B 5 -10.12 15.93 7.37
CA SER B 5 -11.34 15.78 6.58
C SER B 5 -12.58 16.20 7.37
N ASP B 6 -12.63 15.86 8.65
CA ASP B 6 -13.77 16.24 9.47
C ASP B 6 -13.87 17.76 9.59
N ASP B 7 -12.73 18.44 9.76
CA ASP B 7 -12.74 19.90 9.81
C ASP B 7 -13.28 20.48 8.51
N ILE B 8 -12.93 19.86 7.38
CA ILE B 8 -13.40 20.36 6.09
C ILE B 8 -14.91 20.20 5.96
N PHE B 9 -15.42 19.02 6.30
CA PHE B 9 -16.87 18.82 6.32
C PHE B 9 -17.56 19.86 7.20
N GLU B 10 -17.05 20.03 8.43
CA GLU B 10 -17.69 20.94 9.39
C GLU B 10 -17.66 22.37 8.90
N ARG B 11 -16.55 22.80 8.28
CA ARG B 11 -16.47 24.17 7.81
C ARG B 11 -17.44 24.43 6.66
N GLU B 12 -17.54 23.48 5.71
CA GLU B 12 -18.53 23.64 4.66
C GLU B 12 -19.95 23.66 5.24
N TYR B 13 -20.21 22.82 6.24
CA TYR B 13 -21.53 22.82 6.86
C TYR B 13 -21.80 24.15 7.58
N LYS B 14 -20.76 24.79 8.08
CA LYS B 14 -20.94 26.04 8.81
C LYS B 14 -21.17 27.21 7.87
N TYR B 15 -20.40 27.30 6.78
CA TYR B 15 -20.43 28.50 5.94
C TYR B 15 -21.03 28.30 4.56
N GLY B 16 -21.32 27.07 4.16
CA GLY B 16 -21.86 26.83 2.84
C GLY B 16 -23.29 26.33 2.85
N ALA B 17 -24.01 26.53 1.74
CA ALA B 17 -25.38 26.05 1.63
C ALA B 17 -25.42 24.53 1.71
N HIS B 18 -26.53 24.01 2.22
CA HIS B 18 -26.74 22.57 2.34
C HIS B 18 -27.40 21.97 1.12
N ASN B 19 -27.09 22.45 -0.07
CA ASN B 19 -27.73 21.93 -1.28
C ASN B 19 -27.16 20.58 -1.73
N TYR B 20 -26.06 20.12 -1.12
CA TYR B 20 -25.49 18.82 -1.43
C TYR B 20 -25.29 18.01 -0.16
N HIS B 21 -25.25 16.69 -0.31
CA HIS B 21 -24.79 15.77 0.73
C HIS B 21 -23.70 14.91 0.08
N PRO B 22 -22.47 15.40 0.00
CA PRO B 22 -21.42 14.66 -0.69
C PRO B 22 -20.98 13.44 0.11
N LEU B 23 -20.33 12.52 -0.60
CA LEU B 23 -19.71 11.39 0.07
C LEU B 23 -18.62 11.89 1.03
N PRO B 24 -18.61 11.44 2.28
CA PRO B 24 -17.61 11.94 3.23
C PRO B 24 -16.17 11.62 2.84
N VAL B 25 -15.63 12.38 1.90
CA VAL B 25 -14.21 12.32 1.54
C VAL B 25 -13.79 13.70 1.05
N ALA B 26 -12.63 14.15 1.50
CA ALA B 26 -12.16 15.52 1.26
C ALA B 26 -10.90 15.49 0.42
N LEU B 27 -11.05 15.69 -0.89
CA LEU B 27 -9.93 15.59 -1.81
C LEU B 27 -9.07 16.86 -1.78
N GLU B 28 -7.77 16.67 -1.94
CA GLU B 28 -6.80 17.75 -2.02
C GLU B 28 -5.98 17.74 -3.31
N ARG B 29 -5.82 16.58 -3.94
CA ARG B 29 -4.97 16.46 -5.12
C ARG B 29 -5.65 15.57 -6.16
N GLY B 30 -5.40 15.85 -7.42
CA GLY B 30 -5.90 15.00 -8.49
C GLY B 30 -4.92 14.88 -9.64
N LYS B 31 -4.67 13.66 -10.11
CA LYS B 31 -3.77 13.46 -11.25
C LYS B 31 -4.20 12.21 -11.99
N GLY B 32 -4.49 12.35 -13.28
CA GLY B 32 -4.90 11.22 -14.08
C GLY B 32 -6.15 10.58 -13.52
N ILE B 33 -6.07 9.27 -13.23
CA ILE B 33 -7.20 8.53 -12.69
C ILE B 33 -7.29 8.59 -11.18
N TYR B 34 -6.36 9.28 -10.51
CA TYR B 34 -6.23 9.18 -9.07
C TYR B 34 -6.59 10.48 -8.37
N LEU B 35 -7.21 10.35 -7.20
CA LEU B 35 -7.45 11.46 -6.30
C LEU B 35 -6.78 11.17 -4.95
N TRP B 36 -6.36 12.24 -4.27
CA TRP B 36 -5.75 12.15 -2.95
C TRP B 36 -6.48 13.07 -2.00
N ASP B 37 -6.87 12.53 -0.84
CA ASP B 37 -7.51 13.32 0.19
C ASP B 37 -6.44 13.98 1.06
N VAL B 38 -6.90 14.76 2.04
CA VAL B 38 -5.97 15.53 2.85
C VAL B 38 -5.14 14.65 3.78
N GLU B 39 -5.61 13.44 4.07
CA GLU B 39 -4.81 12.49 4.86
C GLU B 39 -3.79 11.73 4.01
N GLY B 40 -3.64 12.08 2.74
CA GLY B 40 -2.72 11.39 1.86
C GLY B 40 -3.24 10.10 1.27
N ARG B 41 -4.49 9.73 1.56
CA ARG B 41 -5.04 8.50 1.00
C ARG B 41 -5.22 8.63 -0.52
N LYS B 42 -4.92 7.55 -1.21
CA LYS B 42 -5.05 7.48 -2.66
C LYS B 42 -6.33 6.72 -3.04
N TYR B 43 -7.06 7.24 -4.03
CA TYR B 43 -8.30 6.65 -4.48
C TYR B 43 -8.36 6.62 -6.00
N PHE B 44 -8.98 5.56 -6.53
CA PHE B 44 -9.43 5.57 -7.91
C PHE B 44 -10.66 6.48 -8.04
N ASP B 45 -10.65 7.36 -9.03
CA ASP B 45 -11.80 8.19 -9.34
C ASP B 45 -12.67 7.43 -10.34
N PHE B 46 -13.83 6.95 -9.89
CA PHE B 46 -14.76 6.28 -10.79
C PHE B 46 -16.03 7.09 -11.01
N LEU B 47 -15.92 8.41 -10.89
CA LEU B 47 -16.94 9.34 -11.35
C LEU B 47 -16.43 10.27 -12.44
N SER B 48 -15.16 10.67 -12.38
CA SER B 48 -14.55 11.56 -13.36
C SER B 48 -15.28 12.89 -13.45
N SER B 49 -15.88 13.32 -12.34
CA SER B 49 -16.61 14.58 -12.27
C SER B 49 -17.70 14.63 -13.35
N TYR B 50 -18.45 13.54 -13.47
CA TYR B 50 -19.56 13.40 -14.43
C TYR B 50 -19.08 13.57 -15.86
N SER B 51 -17.92 13.01 -16.17
CA SER B 51 -17.23 13.05 -17.47
C SER B 51 -16.48 14.35 -17.70
N ALA B 52 -16.34 15.22 -16.71
CA ALA B 52 -15.60 16.45 -16.93
C ALA B 52 -14.09 16.23 -16.97
N VAL B 53 -13.59 15.17 -16.35
CA VAL B 53 -12.17 14.86 -16.46
C VAL B 53 -12.00 13.52 -17.19
N ASN B 54 -12.66 13.38 -18.33
CA ASN B 54 -12.40 12.24 -19.20
C ASN B 54 -10.92 12.11 -19.52
N GLN B 55 -10.23 13.23 -19.67
CA GLN B 55 -8.81 13.28 -19.93
C GLN B 55 -7.96 13.07 -18.67
N GLY B 56 -8.59 12.72 -17.55
CA GLY B 56 -7.89 12.61 -16.30
C GLY B 56 -7.72 13.96 -15.61
N HIS B 57 -7.55 13.89 -14.28
CA HIS B 57 -7.37 15.10 -13.50
C HIS B 57 -6.07 15.79 -13.86
N CYS B 58 -6.14 17.10 -14.12
CA CYS B 58 -4.97 17.95 -14.31
C CYS B 58 -4.07 17.43 -15.43
N HIS B 59 -4.66 17.22 -16.61
CA HIS B 59 -3.89 16.73 -17.73
C HIS B 59 -2.85 17.78 -18.13
N PRO B 60 -1.58 17.40 -18.30
CA PRO B 60 -0.53 18.42 -18.47
C PRO B 60 -0.69 19.30 -19.70
N LYS B 61 -1.28 18.79 -20.79
CA LYS B 61 -1.44 19.61 -21.97
C LYS B 61 -2.49 20.70 -21.76
N ILE B 62 -3.63 20.34 -21.17
CA ILE B 62 -4.66 21.32 -20.88
C ILE B 62 -4.14 22.33 -19.85
N VAL B 63 -3.43 21.83 -18.84
CA VAL B 63 -2.81 22.71 -17.83
C VAL B 63 -1.90 23.72 -18.51
N ASN B 64 -1.09 23.25 -19.46
CA ASN B 64 -0.13 24.13 -20.13
C ASN B 64 -0.83 25.16 -21.00
N ALA B 65 -1.90 24.75 -21.70
CA ALA B 65 -2.68 25.71 -22.46
C ALA B 65 -3.23 26.81 -21.56
N LEU B 66 -3.80 26.42 -20.41
CA LEU B 66 -4.32 27.41 -19.46
C LEU B 66 -3.21 28.34 -18.98
N LYS B 67 -2.05 27.78 -18.60
CA LYS B 67 -0.98 28.60 -18.06
C LYS B 67 -0.40 29.55 -19.10
N SER B 68 -0.31 29.10 -20.36
CA SER B 68 0.17 29.98 -21.41
C SER B 68 -0.80 31.11 -21.67
N GLN B 69 -2.11 30.80 -21.74
CA GLN B 69 -3.07 31.85 -22.09
C GLN B 69 -3.29 32.83 -20.95
N VAL B 70 -3.26 32.38 -19.69
CA VAL B 70 -3.61 33.24 -18.57
C VAL B 70 -2.66 34.43 -18.45
N ASP B 71 -1.44 34.32 -18.99
CA ASP B 71 -0.50 35.43 -18.98
C ASP B 71 -0.79 36.44 -20.07
N LYS B 72 -1.59 36.08 -21.08
CA LYS B 72 -1.88 36.96 -22.20
C LYS B 72 -3.17 37.73 -22.00
N LEU B 73 -4.29 36.99 -21.89
CA LEU B 73 -5.62 37.59 -21.91
C LEU B 73 -6.63 36.56 -21.46
N THR B 74 -7.52 36.93 -20.53
CA THR B 74 -8.51 35.97 -20.05
C THR B 74 -9.96 36.38 -20.31
N LEU B 75 -10.26 37.67 -20.40
CA LEU B 75 -11.65 38.09 -20.62
C LEU B 75 -11.71 39.53 -21.10
N THR B 76 -12.17 39.71 -22.34
CA THR B 76 -12.51 41.03 -22.87
C THR B 76 -14.01 41.32 -22.80
N SER B 77 -14.82 40.29 -22.56
CA SER B 77 -16.27 40.27 -22.81
C SER B 77 -16.53 40.29 -24.31
N ARG B 78 -17.75 39.98 -24.72
CA ARG B 78 -18.10 39.93 -26.13
C ARG B 78 -18.43 41.31 -26.70
N ALA B 79 -18.17 42.38 -25.96
CA ALA B 79 -18.33 43.71 -26.53
C ALA B 79 -17.25 43.98 -27.57
N PHE B 80 -16.11 43.30 -27.46
CA PHE B 80 -15.05 43.34 -28.46
C PHE B 80 -14.70 41.90 -28.85
N TYR B 81 -13.77 41.76 -29.80
CA TYR B 81 -13.29 40.46 -30.23
C TYR B 81 -12.01 40.09 -29.50
N ASN B 82 -11.80 38.80 -29.28
CA ASN B 82 -10.50 38.31 -28.85
C ASN B 82 -9.95 37.40 -29.95
N ASN B 83 -8.64 37.14 -29.87
CA ASN B 83 -7.98 36.43 -30.96
C ASN B 83 -8.22 34.93 -30.94
N VAL B 84 -8.66 34.38 -29.81
CA VAL B 84 -8.70 32.93 -29.65
C VAL B 84 -10.03 32.34 -30.09
N LEU B 85 -11.13 33.07 -29.88
CA LEU B 85 -12.47 32.50 -30.03
C LEU B 85 -12.69 31.92 -31.43
N GLY B 86 -12.34 32.69 -32.47
CA GLY B 86 -12.55 32.20 -33.82
C GLY B 86 -11.77 30.94 -34.13
N GLU B 87 -10.56 30.83 -33.59
CA GLU B 87 -9.75 29.62 -33.77
C GLU B 87 -10.47 28.41 -33.20
N TYR B 88 -10.93 28.51 -31.95
CA TYR B 88 -11.65 27.42 -31.31
C TYR B 88 -12.95 27.11 -32.04
N GLU B 89 -13.66 28.14 -32.50
CA GLU B 89 -14.92 27.93 -33.20
C GLU B 89 -14.70 27.15 -34.48
N GLU B 90 -13.73 27.58 -35.30
CA GLU B 90 -13.40 26.82 -36.49
C GLU B 90 -13.01 25.39 -36.14
N TYR B 91 -12.17 25.21 -35.12
CA TYR B 91 -11.70 23.89 -34.76
C TYR B 91 -12.86 22.96 -34.40
N ILE B 92 -13.74 23.41 -33.50
CA ILE B 92 -14.78 22.53 -33.00
C ILE B 92 -15.85 22.29 -34.06
N THR B 93 -16.19 23.33 -34.85
CA THR B 93 -17.17 23.15 -35.92
C THR B 93 -16.67 22.16 -36.95
N LYS B 94 -15.41 22.27 -37.36
CA LYS B 94 -14.85 21.31 -38.31
C LYS B 94 -14.76 19.92 -37.70
N LEU B 95 -14.48 19.84 -36.39
CA LEU B 95 -14.35 18.53 -35.76
C LEU B 95 -15.68 17.79 -35.75
N PHE B 96 -16.78 18.49 -35.47
CA PHE B 96 -18.07 17.81 -35.37
C PHE B 96 -18.94 17.97 -36.59
N ASN B 97 -18.44 18.60 -37.66
CA ASN B 97 -19.15 18.72 -38.93
C ASN B 97 -20.49 19.43 -38.76
N TYR B 98 -20.49 20.49 -37.96
CA TYR B 98 -21.58 21.45 -37.91
C TYR B 98 -21.07 22.80 -38.37
N HIS B 99 -21.99 23.64 -38.83
CA HIS B 99 -21.56 24.90 -39.42
C HIS B 99 -21.12 25.90 -38.35
N LYS B 100 -21.86 25.99 -37.25
CA LYS B 100 -21.56 26.99 -36.24
C LYS B 100 -21.71 26.42 -34.85
N VAL B 101 -20.98 27.05 -33.92
CA VAL B 101 -21.09 26.79 -32.49
C VAL B 101 -21.40 28.11 -31.79
N LEU B 102 -22.26 28.04 -30.79
CA LEU B 102 -22.47 29.13 -29.85
C LEU B 102 -21.84 28.73 -28.53
N PRO B 103 -20.88 29.51 -28.04
CA PRO B 103 -20.18 29.14 -26.80
C PRO B 103 -20.91 29.63 -25.55
N MET B 104 -21.00 28.73 -24.56
CA MET B 104 -21.47 29.10 -23.23
C MET B 104 -20.53 28.52 -22.20
N ASN B 105 -20.91 28.56 -20.93
CA ASN B 105 -20.03 28.14 -19.84
C ASN B 105 -20.46 26.82 -19.24
N THR B 106 -21.67 26.73 -18.71
CA THR B 106 -22.14 25.53 -18.04
C THR B 106 -23.08 24.74 -18.94
N GLY B 107 -23.32 23.48 -18.56
CA GLY B 107 -24.17 22.63 -19.36
C GLY B 107 -25.61 23.13 -19.45
N VAL B 108 -26.15 23.61 -18.32
CA VAL B 108 -27.53 24.10 -18.33
C VAL B 108 -27.64 25.34 -19.20
N GLU B 109 -26.57 26.14 -19.31
CA GLU B 109 -26.59 27.27 -20.24
C GLU B 109 -26.67 26.78 -21.68
N ALA B 110 -25.95 25.69 -22.00
CA ALA B 110 -26.09 25.09 -23.32
C ALA B 110 -27.53 24.64 -23.57
N GLY B 111 -28.15 24.02 -22.57
CA GLY B 111 -29.54 23.58 -22.74
C GLY B 111 -30.51 24.72 -22.93
N GLU B 112 -30.38 25.76 -22.11
CA GLU B 112 -31.22 26.96 -22.25
C GLU B 112 -31.07 27.56 -23.63
N THR B 113 -29.81 27.69 -24.09
CA THR B 113 -29.55 28.19 -25.44
C THR B 113 -30.25 27.34 -26.49
N ALA B 114 -30.17 26.01 -26.32
CA ALA B 114 -30.83 25.11 -27.27
C ALA B 114 -32.33 25.34 -27.30
N CYS B 115 -32.97 25.48 -26.13
CA CYS B 115 -34.40 25.72 -26.08
C CYS B 115 -34.77 27.07 -26.73
N LYS B 116 -33.96 28.10 -26.46
CA LYS B 116 -34.20 29.39 -27.10
C LYS B 116 -34.08 29.28 -28.62
N LEU B 117 -33.05 28.57 -29.08
CA LEU B 117 -32.88 28.33 -30.51
C LEU B 117 -34.11 27.62 -31.09
N ALA B 118 -34.58 26.59 -30.40
CA ALA B 118 -35.71 25.81 -30.91
C ALA B 118 -36.98 26.65 -30.98
N ARG B 119 -37.24 27.44 -29.94
CA ARG B 119 -38.43 28.28 -29.95
C ARG B 119 -38.34 29.35 -31.04
N LYS B 120 -37.20 30.04 -31.11
CA LYS B 120 -37.03 31.06 -32.14
C LYS B 120 -37.18 30.47 -33.54
N TRP B 121 -36.62 29.27 -33.75
CA TRP B 121 -36.72 28.62 -35.05
C TRP B 121 -38.15 28.20 -35.35
N GLY B 122 -38.85 27.65 -34.35
CA GLY B 122 -40.23 27.25 -34.55
C GLY B 122 -41.13 28.43 -34.89
N TYR B 123 -40.83 29.60 -34.35
CA TYR B 123 -41.64 30.77 -34.69
C TYR B 123 -41.25 31.35 -36.04
N THR B 124 -39.95 31.54 -36.28
CA THR B 124 -39.49 32.30 -37.43
C THR B 124 -39.30 31.46 -38.68
N VAL B 125 -39.03 30.16 -38.54
CA VAL B 125 -38.88 29.25 -39.68
C VAL B 125 -40.09 28.34 -39.82
N LYS B 126 -40.35 27.51 -38.80
CA LYS B 126 -41.45 26.54 -38.90
C LYS B 126 -42.81 27.23 -38.98
N GLY B 127 -42.93 28.43 -38.41
CA GLY B 127 -44.14 29.20 -38.53
C GLY B 127 -45.15 29.01 -37.41
N ILE B 128 -44.75 28.40 -36.29
CA ILE B 128 -45.64 28.26 -35.15
C ILE B 128 -46.10 29.64 -34.68
N GLN B 129 -47.39 29.75 -34.37
CA GLN B 129 -47.90 31.00 -33.80
C GLN B 129 -47.21 31.29 -32.46
N LYS B 130 -47.03 32.58 -32.18
CA LYS B 130 -46.10 33.00 -31.15
C LYS B 130 -46.55 32.51 -29.77
N TYR B 131 -45.68 31.71 -29.16
CA TYR B 131 -45.68 31.31 -27.76
C TYR B 131 -46.54 30.07 -27.56
N LYS B 132 -46.87 29.40 -28.68
CA LYS B 132 -47.44 28.06 -28.66
C LYS B 132 -46.39 26.97 -28.81
N ALA B 133 -45.14 27.32 -29.13
CA ALA B 133 -44.13 26.31 -29.42
C ALA B 133 -43.91 25.41 -28.21
N LYS B 134 -43.84 24.12 -28.47
CA LYS B 134 -43.63 23.12 -27.43
C LYS B 134 -42.28 22.44 -27.64
N ILE B 135 -41.68 21.99 -26.54
CA ILE B 135 -40.47 21.18 -26.57
C ILE B 135 -40.74 19.91 -25.75
N VAL B 136 -40.43 18.76 -26.33
CA VAL B 136 -40.69 17.47 -25.69
C VAL B 136 -39.40 16.96 -25.08
N PHE B 137 -39.52 16.40 -23.87
CA PHE B 137 -38.40 15.85 -23.12
C PHE B 137 -38.77 14.43 -22.71
N ALA B 138 -37.73 13.62 -22.46
CA ALA B 138 -37.95 12.26 -22.01
C ALA B 138 -37.97 12.20 -20.50
N ALA B 139 -38.90 11.42 -19.94
CA ALA B 139 -38.93 11.21 -18.50
C ALA B 139 -37.58 10.73 -18.00
N GLY B 140 -37.18 11.22 -16.82
CA GLY B 140 -35.85 10.95 -16.31
C GLY B 140 -34.77 11.85 -16.85
N ASN B 141 -35.12 12.88 -17.61
CA ASN B 141 -34.11 13.78 -18.15
C ASN B 141 -33.50 14.64 -17.06
N PHE B 142 -32.25 15.05 -17.28
CA PHE B 142 -31.58 16.02 -16.43
C PHE B 142 -30.70 16.88 -17.32
N TRP B 143 -30.88 18.20 -17.25
CA TRP B 143 -29.97 19.08 -17.95
C TRP B 143 -29.66 20.37 -17.19
N GLY B 144 -29.80 20.35 -15.86
CA GLY B 144 -29.40 21.50 -15.08
C GLY B 144 -30.42 21.82 -14.01
N ARG B 145 -30.24 23.00 -13.39
CA ARG B 145 -30.98 23.37 -12.21
C ARG B 145 -31.65 24.74 -12.33
N THR B 146 -31.67 25.34 -13.50
CA THR B 146 -32.44 26.55 -13.69
C THR B 146 -33.93 26.23 -13.54
N LEU B 147 -34.74 27.29 -13.44
CA LEU B 147 -36.18 27.12 -13.38
C LEU B 147 -36.69 26.38 -14.60
N SER B 148 -36.19 26.73 -15.78
CA SER B 148 -36.57 26.04 -17.01
C SER B 148 -36.19 24.56 -16.95
N ALA B 149 -34.96 24.26 -16.53
CA ALA B 149 -34.49 22.87 -16.52
C ALA B 149 -35.35 22.00 -15.61
N ILE B 150 -35.62 22.47 -14.38
CA ILE B 150 -36.46 21.70 -13.47
C ILE B 150 -37.90 21.64 -13.97
N SER B 151 -38.34 22.62 -14.77
CA SER B 151 -39.70 22.56 -15.31
C SER B 151 -39.92 21.35 -16.23
N SER B 152 -38.86 20.74 -16.74
CA SER B 152 -38.98 19.54 -17.57
C SER B 152 -38.63 18.26 -16.83
N SER B 153 -38.26 18.36 -15.56
CA SER B 153 -37.84 17.19 -14.81
C SER B 153 -39.04 16.37 -14.33
N THR B 154 -38.85 15.06 -14.25
CA THR B 154 -39.78 14.16 -13.60
C THR B 154 -39.31 13.76 -12.21
N ASP B 155 -38.24 14.38 -11.72
CA ASP B 155 -37.71 14.12 -10.39
C ASP B 155 -38.27 15.16 -9.44
N PRO B 156 -39.16 14.79 -8.51
CA PRO B 156 -39.77 15.79 -7.62
C PRO B 156 -38.76 16.57 -6.78
N THR B 157 -37.61 15.97 -6.45
CA THR B 157 -36.60 16.72 -5.72
C THR B 157 -36.05 17.91 -6.51
N SER B 158 -36.18 17.89 -7.83
CA SER B 158 -35.67 18.99 -8.64
C SER B 158 -36.66 20.16 -8.69
N TYR B 159 -37.96 19.87 -8.83
CA TYR B 159 -38.92 20.93 -9.09
C TYR B 159 -39.90 21.20 -7.95
N ASP B 160 -40.06 20.29 -7.00
CA ASP B 160 -41.07 20.46 -5.95
C ASP B 160 -40.76 21.70 -5.12
N GLY B 161 -41.74 22.61 -5.03
CA GLY B 161 -41.60 23.78 -4.21
C GLY B 161 -40.76 24.89 -4.81
N PHE B 162 -40.54 24.88 -6.12
CA PHE B 162 -39.76 25.92 -6.79
C PHE B 162 -40.61 26.77 -7.72
N GLY B 163 -41.84 27.05 -7.30
CA GLY B 163 -42.68 28.04 -7.95
C GLY B 163 -43.27 27.54 -9.25
N PRO B 164 -44.12 28.37 -9.86
CA PRO B 164 -44.74 27.97 -11.14
C PRO B 164 -43.68 27.75 -12.19
N PHE B 165 -43.99 26.84 -13.12
CA PHE B 165 -42.97 26.30 -14.00
C PHE B 165 -43.12 26.84 -15.41
N MET B 166 -42.09 26.60 -16.21
CA MET B 166 -42.06 27.07 -17.58
C MET B 166 -43.09 26.31 -18.42
N PRO B 167 -44.05 27.01 -19.03
CA PRO B 167 -44.99 26.32 -19.92
C PRO B 167 -44.32 25.96 -21.25
N GLY B 168 -44.98 25.06 -21.98
CA GLY B 168 -44.48 24.61 -23.26
C GLY B 168 -43.50 23.45 -23.20
N PHE B 169 -43.43 22.75 -22.07
CA PHE B 169 -42.56 21.60 -21.90
C PHE B 169 -43.43 20.36 -21.73
N ASP B 170 -43.43 19.47 -22.73
CA ASP B 170 -44.15 18.21 -22.61
C ASP B 170 -43.15 17.09 -22.34
N ILE B 171 -43.62 16.03 -21.68
CA ILE B 171 -42.74 14.94 -21.24
C ILE B 171 -43.35 13.61 -21.68
N ILE B 172 -42.52 12.77 -22.31
CA ILE B 172 -42.91 11.44 -22.75
C ILE B 172 -41.93 10.42 -22.16
N PRO B 173 -42.22 9.13 -22.18
CA PRO B 173 -41.25 8.16 -21.66
C PRO B 173 -40.00 8.10 -22.52
N TYR B 174 -38.87 7.86 -21.85
CA TYR B 174 -37.61 7.61 -22.54
C TYR B 174 -37.69 6.28 -23.28
N ASN B 175 -36.85 6.13 -24.31
CA ASN B 175 -36.66 4.85 -24.98
C ASN B 175 -37.98 4.32 -25.54
N ASP B 176 -38.75 5.20 -26.17
CA ASP B 176 -40.14 4.91 -26.52
C ASP B 176 -40.47 5.64 -27.81
N LEU B 177 -40.28 4.93 -28.94
CA LEU B 177 -40.55 5.54 -30.24
C LEU B 177 -42.03 5.79 -30.48
N PRO B 178 -42.95 4.84 -30.20
CA PRO B 178 -44.39 5.15 -30.38
C PRO B 178 -44.85 6.38 -29.59
N ALA B 179 -44.36 6.56 -28.37
CA ALA B 179 -44.71 7.76 -27.61
C ALA B 179 -44.21 9.02 -28.30
N LEU B 180 -43.01 8.96 -28.90
CA LEU B 180 -42.50 10.12 -29.62
C LEU B 180 -43.35 10.42 -30.85
N GLU B 181 -43.74 9.39 -31.61
CA GLU B 181 -44.62 9.61 -32.75
C GLU B 181 -45.93 10.26 -32.34
N ARG B 182 -46.56 9.71 -31.29
CA ARG B 182 -47.81 10.28 -30.79
C ARG B 182 -47.63 11.74 -30.37
N ALA B 183 -46.57 12.03 -29.63
CA ALA B 183 -46.34 13.40 -29.18
C ALA B 183 -46.09 14.33 -30.36
N LEU B 184 -45.42 13.84 -31.40
CA LEU B 184 -45.06 14.68 -32.54
C LEU B 184 -46.19 14.83 -33.55
N GLN B 185 -47.33 14.16 -33.34
CA GLN B 185 -48.50 14.54 -34.14
C GLN B 185 -48.89 16.02 -33.94
N ASP B 186 -48.45 16.65 -32.86
CA ASP B 186 -48.78 18.04 -32.60
C ASP B 186 -47.92 18.98 -33.45
N PRO B 187 -48.50 19.78 -34.34
CA PRO B 187 -47.68 20.64 -35.23
C PRO B 187 -46.90 21.72 -34.50
N ASN B 188 -47.28 22.08 -33.26
CA ASN B 188 -46.61 23.16 -32.55
C ASN B 188 -45.35 22.71 -31.82
N VAL B 189 -44.96 21.44 -31.95
CA VAL B 189 -43.71 20.98 -31.33
C VAL B 189 -42.56 21.44 -32.20
N ALA B 190 -41.65 22.21 -31.62
CA ALA B 190 -40.48 22.69 -32.34
C ALA B 190 -39.24 21.82 -32.12
N ALA B 191 -39.17 21.07 -31.03
CA ALA B 191 -37.96 20.31 -30.74
C ALA B 191 -38.25 19.15 -29.79
N PHE B 192 -37.38 18.14 -29.86
CA PHE B 192 -37.29 17.06 -28.90
C PHE B 192 -35.85 17.00 -28.42
N MET B 193 -35.64 17.22 -27.12
CA MET B 193 -34.33 17.18 -26.52
C MET B 193 -34.20 15.92 -25.69
N VAL B 194 -33.06 15.23 -25.82
CA VAL B 194 -32.90 13.91 -25.20
C VAL B 194 -31.42 13.59 -25.07
N GLU B 195 -31.10 12.81 -24.05
CA GLU B 195 -29.76 12.25 -23.82
C GLU B 195 -29.63 10.93 -24.57
N PRO B 196 -28.57 10.74 -25.37
CA PRO B 196 -28.36 9.42 -25.99
C PRO B 196 -28.28 8.31 -24.95
N ILE B 197 -27.69 8.61 -23.79
CA ILE B 197 -27.75 7.76 -22.61
C ILE B 197 -28.02 8.68 -21.42
N GLN B 198 -29.06 8.38 -20.64
CA GLN B 198 -29.43 9.22 -19.51
C GLN B 198 -28.46 8.97 -18.36
N GLY B 199 -27.73 10.00 -17.95
CA GLY B 199 -26.74 9.86 -16.90
C GLY B 199 -27.30 9.96 -15.50
N GLU B 200 -27.86 11.13 -15.17
CA GLU B 200 -28.44 11.33 -13.84
C GLU B 200 -29.54 10.31 -13.54
N ALA B 201 -30.25 9.85 -14.56
CA ALA B 201 -31.28 8.83 -14.34
C ALA B 201 -30.71 7.47 -13.96
N GLY B 202 -29.40 7.26 -14.12
CA GLY B 202 -28.75 6.03 -13.69
C GLY B 202 -28.09 5.25 -14.80
N VAL B 203 -27.51 5.95 -15.78
CA VAL B 203 -26.91 5.34 -16.97
C VAL B 203 -27.95 4.45 -17.63
N VAL B 204 -29.06 5.03 -18.05
CA VAL B 204 -30.10 4.30 -18.76
C VAL B 204 -29.74 4.31 -20.24
N VAL B 205 -29.45 3.14 -20.79
CA VAL B 205 -29.08 2.99 -22.19
C VAL B 205 -30.35 2.59 -22.97
N PRO B 206 -30.74 3.36 -23.98
CA PRO B 206 -31.93 2.98 -24.75
C PRO B 206 -31.65 1.75 -25.61
N ASP B 207 -32.73 1.15 -26.10
CA ASP B 207 -32.59 -0.03 -26.92
C ASP B 207 -31.96 0.35 -28.27
N PRO B 208 -31.26 -0.59 -28.90
CA PRO B 208 -30.72 -0.33 -30.24
C PRO B 208 -31.82 0.09 -31.20
N GLY B 209 -31.53 1.10 -32.02
CA GLY B 209 -32.51 1.63 -32.95
C GLY B 209 -33.29 2.82 -32.44
N TYR B 210 -33.24 3.10 -31.13
CA TYR B 210 -34.00 4.22 -30.59
C TYR B 210 -33.56 5.54 -31.21
N LEU B 211 -32.25 5.79 -31.27
CA LEU B 211 -31.75 7.07 -31.80
C LEU B 211 -32.07 7.22 -33.29
N MET B 212 -31.96 6.13 -34.05
CA MET B 212 -32.36 6.16 -35.45
C MET B 212 -33.82 6.53 -35.59
N GLY B 213 -34.67 5.95 -34.75
CA GLY B 213 -36.09 6.25 -34.81
C GLY B 213 -36.40 7.68 -34.41
N VAL B 214 -35.70 8.20 -33.40
CA VAL B 214 -35.85 9.60 -33.02
C VAL B 214 -35.48 10.51 -34.19
N ARG B 215 -34.38 10.19 -34.87
CA ARG B 215 -33.94 10.98 -36.01
C ARG B 215 -34.99 10.96 -37.13
N GLU B 216 -35.44 9.77 -37.50
CA GLU B 216 -36.44 9.66 -38.56
C GLU B 216 -37.73 10.38 -38.20
N LEU B 217 -38.17 10.29 -36.95
CA LEU B 217 -39.43 10.91 -36.54
C LEU B 217 -39.32 12.44 -36.48
N CYS B 218 -38.17 12.94 -36.01
CA CYS B 218 -37.98 14.40 -36.00
C CYS B 218 -37.91 14.95 -37.41
N THR B 219 -37.20 14.27 -38.31
CA THR B 219 -37.17 14.69 -39.70
C THR B 219 -38.55 14.63 -40.33
N ARG B 220 -39.26 13.52 -40.11
CA ARG B 220 -40.58 13.31 -40.71
C ARG B 220 -41.57 14.41 -40.31
N HIS B 221 -41.43 14.95 -39.09
CA HIS B 221 -42.40 15.89 -38.55
C HIS B 221 -41.84 17.30 -38.37
N GLN B 222 -40.77 17.64 -39.10
CA GLN B 222 -40.07 18.92 -39.01
C GLN B 222 -39.93 19.37 -37.55
N VAL B 223 -39.26 18.54 -36.77
CA VAL B 223 -38.97 18.81 -35.37
C VAL B 223 -37.46 18.77 -35.18
N LEU B 224 -36.95 19.68 -34.36
CA LEU B 224 -35.51 19.77 -34.12
C LEU B 224 -35.06 18.72 -33.12
N PHE B 225 -34.13 17.87 -33.56
CA PHE B 225 -33.53 16.84 -32.72
C PHE B 225 -32.38 17.48 -31.94
N ILE B 226 -32.56 17.63 -30.63
CA ILE B 226 -31.53 18.16 -29.74
C ILE B 226 -30.95 17.00 -28.94
N ALA B 227 -29.67 16.71 -29.15
CA ALA B 227 -28.98 15.65 -28.42
C ALA B 227 -28.09 16.29 -27.35
N ASP B 228 -28.42 15.99 -26.09
CA ASP B 228 -27.64 16.47 -24.94
C ASP B 228 -26.50 15.48 -24.72
N GLU B 229 -25.35 15.76 -25.32
CA GLU B 229 -24.15 14.95 -25.16
C GLU B 229 -23.17 15.56 -24.16
N ILE B 230 -23.68 16.33 -23.20
CA ILE B 230 -22.81 17.01 -22.24
C ILE B 230 -22.09 16.00 -21.36
N GLN B 231 -22.73 14.87 -21.04
CA GLN B 231 -22.08 13.79 -20.31
C GLN B 231 -21.62 12.65 -21.22
N THR B 232 -22.43 12.28 -22.22
CA THR B 232 -22.14 11.14 -23.07
C THR B 232 -21.07 11.43 -24.12
N GLY B 233 -20.85 12.69 -24.46
CA GLY B 233 -19.96 13.03 -25.56
C GLY B 233 -18.50 12.95 -25.17
N LEU B 234 -17.66 13.30 -26.15
CA LEU B 234 -16.23 13.47 -25.94
C LEU B 234 -15.59 12.18 -25.42
N ALA B 235 -15.86 11.08 -26.12
CA ALA B 235 -15.22 9.77 -26.01
C ALA B 235 -15.68 8.95 -24.80
N ARG B 236 -16.53 9.48 -23.91
CA ARG B 236 -16.87 8.76 -22.70
C ARG B 236 -17.51 7.40 -23.00
N THR B 237 -18.34 7.32 -24.03
CA THR B 237 -19.05 6.09 -24.37
C THR B 237 -18.33 5.25 -25.42
N GLY B 238 -17.16 5.67 -25.89
CA GLY B 238 -16.44 4.95 -26.93
C GLY B 238 -16.51 5.57 -28.31
N ARG B 239 -17.21 6.69 -28.47
CA ARG B 239 -17.28 7.43 -29.72
C ARG B 239 -17.19 8.91 -29.40
N TRP B 240 -16.81 9.70 -30.40
CA TRP B 240 -16.81 11.16 -30.23
C TRP B 240 -18.13 11.65 -29.67
N LEU B 241 -19.24 11.04 -30.11
CA LEU B 241 -20.55 11.26 -29.54
C LEU B 241 -21.25 9.91 -29.45
N ALA B 242 -22.05 9.72 -28.40
CA ALA B 242 -22.77 8.45 -28.24
C ALA B 242 -23.62 8.16 -29.47
N VAL B 243 -24.21 9.21 -30.06
CA VAL B 243 -25.07 9.07 -31.22
C VAL B 243 -24.33 8.48 -32.42
N ASP B 244 -22.99 8.63 -32.47
CA ASP B 244 -22.21 8.00 -33.53
C ASP B 244 -22.38 6.48 -33.55
N TYR B 245 -22.81 5.88 -32.44
CA TYR B 245 -23.04 4.44 -32.44
C TYR B 245 -24.13 4.04 -33.43
N GLU B 246 -25.09 4.93 -33.69
CA GLU B 246 -26.17 4.64 -34.62
C GLU B 246 -26.11 5.52 -35.86
N ASN B 247 -24.98 6.19 -36.09
CA ASN B 247 -24.75 6.97 -37.31
C ASN B 247 -25.85 8.01 -37.51
N VAL B 248 -26.28 8.62 -36.41
CA VAL B 248 -27.36 9.60 -36.42
C VAL B 248 -26.73 10.99 -36.38
N ARG B 249 -27.40 11.95 -37.00
CA ARG B 249 -26.95 13.34 -36.94
C ARG B 249 -28.05 14.20 -36.33
N PRO B 250 -27.90 14.63 -35.08
CA PRO B 250 -28.88 15.54 -34.49
C PRO B 250 -28.84 16.91 -35.12
N ASP B 251 -29.93 17.67 -34.94
CA ASP B 251 -29.98 19.03 -35.43
C ASP B 251 -29.23 19.99 -34.52
N ILE B 252 -29.22 19.72 -33.21
CA ILE B 252 -28.46 20.49 -32.24
C ILE B 252 -27.72 19.51 -31.34
N VAL B 253 -26.45 19.78 -31.07
CA VAL B 253 -25.65 18.94 -30.18
C VAL B 253 -25.13 19.82 -29.04
N LEU B 254 -25.39 19.39 -27.80
CA LEU B 254 -24.88 20.09 -26.63
C LEU B 254 -23.64 19.36 -26.13
N LEU B 255 -22.56 20.11 -25.93
CA LEU B 255 -21.34 19.57 -25.34
C LEU B 255 -20.99 20.38 -24.09
N GLY B 256 -20.26 19.74 -23.19
CA GLY B 256 -19.78 20.39 -21.98
C GLY B 256 -18.78 19.54 -21.23
N LYS B 257 -18.58 19.83 -19.94
CA LYS B 257 -17.76 19.02 -19.04
C LYS B 257 -16.38 18.72 -19.64
N ALA B 258 -16.22 17.51 -20.20
CA ALA B 258 -14.94 17.12 -20.80
C ALA B 258 -14.44 18.11 -21.84
N LEU B 259 -15.30 19.02 -22.29
CA LEU B 259 -14.88 20.06 -23.22
C LEU B 259 -13.72 20.89 -22.69
N SER B 260 -13.52 20.88 -21.38
CA SER B 260 -12.40 21.60 -20.80
C SER B 260 -11.47 20.72 -19.97
N GLY B 261 -11.71 19.42 -19.90
CA GLY B 261 -10.93 18.57 -19.02
C GLY B 261 -11.07 18.93 -17.56
N GLY B 262 -12.13 19.64 -17.19
CA GLY B 262 -12.36 20.04 -15.81
C GLY B 262 -11.60 21.25 -15.35
N LEU B 263 -10.91 21.96 -16.24
CA LEU B 263 -10.12 23.13 -15.87
C LEU B 263 -10.88 24.45 -15.98
N TYR B 264 -12.06 24.44 -16.60
CA TYR B 264 -12.77 25.69 -16.86
C TYR B 264 -14.19 25.38 -17.26
N PRO B 265 -15.19 26.15 -16.82
CA PRO B 265 -16.55 25.91 -17.31
C PRO B 265 -16.70 26.28 -18.76
N VAL B 266 -16.73 25.29 -19.65
CA VAL B 266 -16.94 25.52 -21.08
C VAL B 266 -18.04 24.58 -21.56
N SER B 267 -19.00 25.15 -22.29
CA SER B 267 -20.05 24.36 -22.95
C SER B 267 -20.25 24.91 -24.35
N ALA B 268 -20.86 24.10 -25.21
CA ALA B 268 -20.99 24.44 -26.61
C ALA B 268 -22.34 23.98 -27.15
N VAL B 269 -22.93 24.83 -28.00
CA VAL B 269 -24.13 24.50 -28.75
C VAL B 269 -23.74 24.43 -30.22
N LEU B 270 -23.80 23.25 -30.81
CA LEU B 270 -23.42 23.04 -32.20
C LEU B 270 -24.66 22.86 -33.06
N CYS B 271 -24.73 23.59 -34.16
CA CYS B 271 -25.78 23.36 -35.16
C CYS B 271 -25.44 24.12 -36.44
N ASP B 272 -26.26 23.93 -37.47
CA ASP B 272 -26.09 24.55 -38.78
C ASP B 272 -26.76 25.92 -38.82
N ASP B 273 -26.48 26.64 -39.91
CA ASP B 273 -26.88 28.05 -40.00
C ASP B 273 -28.39 28.22 -39.95
N ASP B 274 -29.15 27.32 -40.58
CA ASP B 274 -30.60 27.46 -40.64
C ASP B 274 -31.23 27.49 -39.26
N ILE B 275 -30.57 26.93 -38.25
CA ILE B 275 -31.02 27.02 -36.87
C ILE B 275 -30.28 28.12 -36.12
N MET B 276 -28.95 28.12 -36.23
CA MET B 276 -28.13 29.03 -35.44
C MET B 276 -28.50 30.48 -35.70
N LEU B 277 -28.66 30.86 -36.97
CA LEU B 277 -28.84 32.24 -37.34
C LEU B 277 -30.27 32.73 -37.20
N THR B 278 -31.14 32.00 -36.49
CA THR B 278 -32.41 32.56 -36.08
C THR B 278 -32.26 33.50 -34.89
N ILE B 279 -31.14 33.41 -34.17
CA ILE B 279 -30.82 34.37 -33.13
C ILE B 279 -29.93 35.45 -33.74
N LYS B 280 -30.40 36.69 -33.72
CA LYS B 280 -29.71 37.81 -34.33
C LYS B 280 -28.80 38.48 -33.32
N PRO B 281 -27.91 39.37 -33.76
CA PRO B 281 -27.06 40.09 -32.80
C PRO B 281 -27.88 40.80 -31.73
N GLY B 282 -27.44 40.64 -30.48
CA GLY B 282 -28.06 41.28 -29.34
C GLY B 282 -29.12 40.46 -28.64
N GLU B 283 -29.45 39.27 -29.13
CA GLU B 283 -30.61 38.54 -28.64
C GLU B 283 -30.27 37.37 -27.72
N HIS B 284 -28.99 37.06 -27.53
CA HIS B 284 -28.59 36.02 -26.60
C HIS B 284 -27.10 36.13 -26.34
N GLY B 285 -26.68 35.75 -25.13
CA GLY B 285 -25.26 35.79 -24.81
C GLY B 285 -25.00 35.43 -23.37
N SER B 286 -23.80 35.84 -22.93
CA SER B 286 -23.21 35.47 -21.65
C SER B 286 -21.90 36.22 -21.48
N THR B 287 -21.62 36.66 -20.25
CA THR B 287 -20.40 37.41 -19.98
C THR B 287 -19.16 36.58 -20.34
N TYR B 288 -19.02 35.41 -19.73
CA TYR B 288 -17.84 34.58 -19.88
C TYR B 288 -17.90 33.67 -21.11
N GLY B 289 -19.03 33.62 -21.80
CA GLY B 289 -19.14 32.78 -22.99
C GLY B 289 -18.16 33.17 -24.07
N GLY B 290 -17.32 32.22 -24.47
CA GLY B 290 -16.37 32.45 -25.55
C GLY B 290 -15.12 33.18 -25.16
N ASN B 291 -14.82 33.31 -23.87
CA ASN B 291 -13.62 34.00 -23.45
C ASN B 291 -12.38 33.23 -23.92
N PRO B 292 -11.25 33.92 -24.11
CA PRO B 292 -10.08 33.26 -24.72
C PRO B 292 -9.47 32.16 -23.85
N LEU B 293 -9.49 32.31 -22.53
CA LEU B 293 -8.88 31.30 -21.67
C LEU B 293 -9.61 29.97 -21.81
N GLY B 294 -10.93 29.99 -21.67
CA GLY B 294 -11.70 28.78 -21.87
C GLY B 294 -11.54 28.18 -23.26
N CYS B 295 -11.35 29.04 -24.27
CA CYS B 295 -11.20 28.54 -25.63
C CYS B 295 -9.86 27.82 -25.82
N ARG B 296 -8.76 28.38 -25.30
CA ARG B 296 -7.49 27.67 -25.35
C ARG B 296 -7.57 26.34 -24.60
N VAL B 297 -8.17 26.37 -23.40
CA VAL B 297 -8.37 25.14 -22.63
C VAL B 297 -9.15 24.11 -23.44
N ALA B 298 -10.21 24.54 -24.13
CA ALA B 298 -11.06 23.59 -24.84
C ALA B 298 -10.37 23.02 -26.06
N ILE B 299 -9.63 23.85 -26.80
CA ILE B 299 -8.84 23.34 -27.92
C ILE B 299 -7.91 22.24 -27.43
N ALA B 300 -7.17 22.52 -26.34
CA ALA B 300 -6.26 21.51 -25.79
C ALA B 300 -7.01 20.26 -25.35
N ALA B 301 -8.18 20.42 -24.75
CA ALA B 301 -8.94 19.27 -24.24
C ALA B 301 -9.37 18.35 -25.38
N LEU B 302 -9.94 18.94 -26.44
CA LEU B 302 -10.36 18.14 -27.60
C LEU B 302 -9.15 17.49 -28.28
N GLU B 303 -8.03 18.22 -28.37
CA GLU B 303 -6.83 17.64 -28.94
C GLU B 303 -6.37 16.44 -28.14
N VAL B 304 -6.36 16.55 -26.80
CA VAL B 304 -5.97 15.43 -25.97
C VAL B 304 -6.88 14.23 -26.23
N LEU B 305 -8.19 14.48 -26.29
CA LEU B 305 -9.14 13.40 -26.55
C LEU B 305 -8.82 12.69 -27.86
N GLU B 306 -8.45 13.44 -28.90
CA GLU B 306 -8.20 12.78 -30.18
C GLU B 306 -6.83 12.10 -30.23
N GLU B 307 -5.78 12.79 -29.79
CA GLU B 307 -4.42 12.30 -29.99
C GLU B 307 -4.11 11.09 -29.13
N GLU B 308 -4.77 10.95 -27.98
CA GLU B 308 -4.57 9.79 -27.13
C GLU B 308 -5.60 8.70 -27.39
N ASN B 309 -6.36 8.81 -28.48
CA ASN B 309 -7.30 7.77 -28.92
C ASN B 309 -8.19 7.29 -27.78
N LEU B 310 -8.74 8.25 -27.03
CA LEU B 310 -9.45 7.92 -25.80
C LEU B 310 -10.79 7.23 -26.06
N ALA B 311 -11.38 7.42 -27.24
CA ALA B 311 -12.66 6.76 -27.51
C ALA B 311 -12.47 5.25 -27.70
N GLU B 312 -11.43 4.84 -28.42
CA GLU B 312 -11.16 3.42 -28.60
C GLU B 312 -10.79 2.75 -27.28
N ASN B 313 -10.00 3.45 -26.45
CA ASN B 313 -9.68 2.90 -25.13
C ASN B 313 -10.92 2.79 -24.26
N ALA B 314 -11.80 3.80 -24.31
CA ALA B 314 -13.05 3.73 -23.57
C ALA B 314 -13.87 2.53 -24.03
N ASP B 315 -13.96 2.32 -25.34
CA ASP B 315 -14.69 1.19 -25.88
C ASP B 315 -14.15 -0.13 -25.35
N LYS B 316 -12.84 -0.37 -25.52
CA LYS B 316 -12.25 -1.65 -25.16
C LYS B 316 -12.35 -1.89 -23.65
N LEU B 317 -11.92 -0.91 -22.86
CA LEU B 317 -11.93 -1.11 -21.42
C LEU B 317 -13.35 -1.17 -20.87
N GLY B 318 -14.32 -0.55 -21.54
CA GLY B 318 -15.69 -0.66 -21.10
C GLY B 318 -16.26 -2.04 -21.36
N ILE B 319 -15.90 -2.64 -22.50
CA ILE B 319 -16.22 -4.04 -22.72
C ILE B 319 -15.68 -4.89 -21.58
N ILE B 320 -14.40 -4.71 -21.26
CA ILE B 320 -13.78 -5.50 -20.18
C ILE B 320 -14.54 -5.27 -18.86
N LEU B 321 -14.84 -4.01 -18.55
CA LEU B 321 -15.45 -3.67 -17.27
C LEU B 321 -16.84 -4.27 -17.15
N ARG B 322 -17.66 -4.16 -18.19
CA ARG B 322 -19.01 -4.72 -18.11
C ARG B 322 -18.95 -6.24 -18.02
N ASN B 323 -18.04 -6.88 -18.77
CA ASN B 323 -17.93 -8.33 -18.67
C ASN B 323 -17.53 -8.78 -17.28
N GLU B 324 -16.63 -8.05 -16.62
CA GLU B 324 -16.26 -8.43 -15.26
C GLU B 324 -17.38 -8.13 -14.26
N LEU B 325 -18.10 -7.02 -14.45
CA LEU B 325 -19.17 -6.68 -13.53
C LEU B 325 -20.33 -7.67 -13.61
N MET B 326 -20.59 -8.22 -14.80
CA MET B 326 -21.66 -9.20 -14.91
C MET B 326 -21.32 -10.52 -14.22
N LYS B 327 -20.06 -10.73 -13.82
CA LYS B 327 -19.72 -11.92 -13.06
C LYS B 327 -20.09 -11.81 -11.59
N LEU B 328 -20.50 -10.62 -11.12
CA LEU B 328 -20.96 -10.46 -9.75
C LEU B 328 -22.28 -11.21 -9.53
N PRO B 329 -22.54 -11.64 -8.30
CA PRO B 329 -23.72 -12.49 -8.06
C PRO B 329 -25.02 -11.80 -8.47
N SER B 330 -25.90 -12.58 -9.10
CA SER B 330 -27.17 -12.03 -9.58
C SER B 330 -28.10 -11.65 -8.43
N ASP B 331 -27.91 -12.22 -7.24
CA ASP B 331 -28.70 -11.89 -6.07
C ASP B 331 -28.06 -10.78 -5.24
N VAL B 332 -27.14 -10.01 -5.81
CA VAL B 332 -26.51 -8.89 -5.12
C VAL B 332 -26.48 -7.70 -6.07
N VAL B 333 -26.10 -7.95 -7.32
CA VAL B 333 -26.14 -6.96 -8.39
C VAL B 333 -27.27 -7.39 -9.33
N THR B 334 -28.35 -6.60 -9.36
CA THR B 334 -29.48 -6.95 -10.20
C THR B 334 -29.30 -6.53 -11.65
N ALA B 335 -28.45 -5.54 -11.92
CA ALA B 335 -28.28 -5.12 -13.30
C ALA B 335 -26.91 -4.48 -13.51
N VAL B 336 -26.38 -4.67 -14.72
CA VAL B 336 -25.18 -3.98 -15.20
C VAL B 336 -25.51 -3.37 -16.55
N ARG B 337 -25.16 -2.10 -16.74
CA ARG B 337 -25.47 -1.47 -18.01
C ARG B 337 -24.47 -0.35 -18.30
N GLY B 338 -24.48 0.11 -19.54
CA GLY B 338 -23.62 1.20 -19.94
C GLY B 338 -22.98 1.02 -21.31
N LYS B 339 -22.23 2.02 -21.72
CA LYS B 339 -21.47 1.99 -22.97
C LYS B 339 -20.13 2.66 -22.72
N GLY B 340 -19.10 2.15 -23.38
CA GLY B 340 -17.75 2.66 -23.14
C GLY B 340 -17.45 2.62 -21.66
N LEU B 341 -16.90 3.72 -21.15
CA LEU B 341 -16.59 3.84 -19.73
C LEU B 341 -17.66 4.62 -18.96
N LEU B 342 -18.88 4.72 -19.50
CA LEU B 342 -20.02 5.22 -18.74
C LEU B 342 -20.86 3.99 -18.40
N ASN B 343 -20.80 3.55 -17.14
CA ASN B 343 -21.48 2.32 -16.76
C ASN B 343 -22.13 2.52 -15.40
N ALA B 344 -23.01 1.58 -15.06
CA ALA B 344 -23.64 1.59 -13.75
C ALA B 344 -24.08 0.17 -13.40
N ILE B 345 -24.21 -0.06 -12.11
CA ILE B 345 -24.78 -1.29 -11.59
C ILE B 345 -25.95 -0.94 -10.70
N VAL B 346 -26.96 -1.79 -10.73
CA VAL B 346 -28.11 -1.72 -9.83
C VAL B 346 -28.00 -2.91 -8.89
N ILE B 347 -27.94 -2.62 -7.59
CA ILE B 347 -27.82 -3.61 -6.54
C ILE B 347 -29.20 -3.92 -5.98
N LYS B 348 -29.32 -5.06 -5.31
CA LYS B 348 -30.57 -5.45 -4.67
C LYS B 348 -30.61 -4.81 -3.29
N GLU B 349 -31.18 -3.61 -3.23
CA GLU B 349 -31.23 -2.85 -2.00
C GLU B 349 -32.13 -3.52 -0.97
N THR B 350 -31.68 -3.51 0.29
CA THR B 350 -32.44 -4.00 1.43
C THR B 350 -32.77 -2.83 2.35
N LYS B 351 -33.60 -3.10 3.36
CA LYS B 351 -33.81 -2.11 4.41
C LYS B 351 -32.63 -2.05 5.40
N ASP B 352 -31.51 -2.69 5.06
CA ASP B 352 -30.28 -2.59 5.84
C ASP B 352 -29.04 -2.34 4.99
N TRP B 353 -29.13 -2.48 3.67
CA TRP B 353 -27.97 -2.43 2.79
C TRP B 353 -28.37 -1.70 1.52
N ASP B 354 -27.66 -0.61 1.21
CA ASP B 354 -28.03 0.26 0.10
C ASP B 354 -26.76 0.68 -0.65
N ALA B 355 -26.96 1.47 -1.72
CA ALA B 355 -25.83 1.90 -2.54
C ALA B 355 -24.92 2.87 -1.79
N TRP B 356 -25.47 3.63 -0.83
CA TRP B 356 -24.65 4.57 -0.08
C TRP B 356 -23.62 3.83 0.78
N LYS B 357 -24.04 2.74 1.43
CA LYS B 357 -23.10 1.95 2.23
C LYS B 357 -22.05 1.29 1.35
N VAL B 358 -22.46 0.81 0.17
CA VAL B 358 -21.51 0.22 -0.75
C VAL B 358 -20.47 1.26 -1.19
N CYS B 359 -20.91 2.47 -1.48
CA CYS B 359 -19.97 3.51 -1.88
C CYS B 359 -19.07 3.93 -0.72
N LEU B 360 -19.59 3.94 0.50
CA LEU B 360 -18.75 4.18 1.68
C LEU B 360 -17.64 3.15 1.78
N ARG B 361 -17.99 1.87 1.60
CA ARG B 361 -16.97 0.83 1.71
C ARG B 361 -16.00 0.85 0.53
N LEU B 362 -16.48 1.19 -0.66
CA LEU B 362 -15.58 1.39 -1.79
C LEU B 362 -14.60 2.51 -1.49
N ARG B 363 -15.07 3.59 -0.86
CA ARG B 363 -14.17 4.64 -0.40
C ARG B 363 -13.14 4.09 0.58
N ASP B 364 -13.59 3.28 1.54
CA ASP B 364 -12.67 2.66 2.48
C ASP B 364 -11.56 1.89 1.78
N ASN B 365 -11.90 1.22 0.68
CA ASN B 365 -10.96 0.36 -0.03
C ASN B 365 -10.30 1.03 -1.22
N GLY B 366 -10.43 2.35 -1.36
CA GLY B 366 -9.65 3.11 -2.32
C GLY B 366 -10.29 3.39 -3.66
N LEU B 367 -11.62 3.35 -3.76
CA LEU B 367 -12.33 3.67 -4.99
C LEU B 367 -13.47 4.62 -4.69
N LEU B 368 -13.64 5.65 -5.52
CA LEU B 368 -14.63 6.70 -5.29
C LEU B 368 -15.70 6.63 -6.38
N ALA B 369 -16.94 6.37 -5.97
CA ALA B 369 -18.06 6.27 -6.89
C ALA B 369 -19.30 6.86 -6.24
N LYS B 370 -20.22 7.33 -7.08
CA LYS B 370 -21.42 8.03 -6.62
C LYS B 370 -22.66 7.14 -6.74
N PRO B 371 -23.50 7.12 -5.71
CA PRO B 371 -24.84 6.56 -5.84
C PRO B 371 -25.83 7.61 -6.33
N THR B 372 -26.88 7.14 -7.01
CA THR B 372 -27.77 8.05 -7.72
C THR B 372 -29.24 7.95 -7.33
N HIS B 373 -29.66 6.92 -6.60
CA HIS B 373 -31.05 6.85 -6.15
C HIS B 373 -31.22 5.92 -4.97
N GLY B 374 -30.12 5.39 -4.45
CA GLY B 374 -30.18 4.43 -3.36
C GLY B 374 -30.00 2.98 -3.77
N ASP B 375 -30.03 2.69 -5.08
CA ASP B 375 -29.71 1.36 -5.56
C ASP B 375 -28.80 1.37 -6.79
N ILE B 376 -28.41 2.54 -7.29
CA ILE B 376 -27.60 2.66 -8.49
C ILE B 376 -26.22 3.17 -8.11
N ILE B 377 -25.18 2.55 -8.67
CA ILE B 377 -23.81 3.01 -8.49
C ILE B 377 -23.18 3.20 -9.86
N ARG B 378 -22.66 4.40 -10.11
CA ARG B 378 -22.01 4.74 -11.36
C ARG B 378 -20.54 4.33 -11.33
N PHE B 379 -20.08 3.74 -12.44
CA PHE B 379 -18.67 3.42 -12.65
C PHE B 379 -18.24 4.12 -13.93
N ALA B 380 -17.38 5.14 -13.78
CA ALA B 380 -17.00 6.01 -14.89
C ALA B 380 -15.62 6.59 -14.62
N PRO B 381 -14.58 5.76 -14.75
CA PRO B 381 -13.21 6.24 -14.52
C PRO B 381 -12.73 7.06 -15.69
N PRO B 382 -11.73 7.92 -15.49
CA PRO B 382 -11.22 8.72 -16.60
C PRO B 382 -10.70 7.82 -17.71
N LEU B 383 -10.81 8.31 -18.95
CA LEU B 383 -10.56 7.48 -20.11
C LEU B 383 -9.07 7.24 -20.36
N VAL B 384 -8.18 7.83 -19.57
CA VAL B 384 -6.75 7.57 -19.68
C VAL B 384 -6.34 6.38 -18.81
N ILE B 385 -7.32 5.71 -18.22
CA ILE B 385 -7.03 4.55 -17.38
C ILE B 385 -6.49 3.42 -18.26
N LYS B 386 -5.54 2.67 -17.72
CA LYS B 386 -4.96 1.53 -18.40
C LYS B 386 -5.68 0.26 -17.98
N GLU B 387 -5.47 -0.81 -18.76
CA GLU B 387 -6.17 -2.06 -18.51
C GLU B 387 -5.81 -2.65 -17.15
N ASP B 388 -4.52 -2.59 -16.77
CA ASP B 388 -4.11 -3.15 -15.48
C ASP B 388 -4.67 -2.35 -14.31
N GLU B 389 -4.66 -1.02 -14.42
CA GLU B 389 -5.32 -0.19 -13.41
C GLU B 389 -6.82 -0.46 -13.35
N LEU B 390 -7.45 -0.65 -14.52
CA LEU B 390 -8.87 -0.99 -14.54
C LEU B 390 -9.14 -2.31 -13.84
N ARG B 391 -8.28 -3.31 -14.05
CA ARG B 391 -8.51 -4.60 -13.40
C ARG B 391 -8.26 -4.53 -11.90
N GLU B 392 -7.29 -3.71 -11.46
CA GLU B 392 -7.13 -3.49 -10.02
C GLU B 392 -8.38 -2.84 -9.43
N SER B 393 -8.95 -1.86 -10.13
CA SER B 393 -10.17 -1.24 -9.66
C SER B 393 -11.33 -2.23 -9.63
N ILE B 394 -11.40 -3.11 -10.63
CA ILE B 394 -12.45 -4.13 -10.68
C ILE B 394 -12.30 -5.09 -9.51
N GLU B 395 -11.06 -5.41 -9.13
CA GLU B 395 -10.85 -6.26 -7.96
C GLU B 395 -11.27 -5.54 -6.68
N ILE B 396 -11.04 -4.23 -6.61
CA ILE B 396 -11.54 -3.46 -5.47
C ILE B 396 -13.07 -3.56 -5.39
N ILE B 397 -13.73 -3.39 -6.53
CA ILE B 397 -15.19 -3.46 -6.58
C ILE B 397 -15.67 -4.85 -6.15
N ASN B 398 -14.98 -5.90 -6.63
CA ASN B 398 -15.36 -7.26 -6.28
C ASN B 398 -15.18 -7.53 -4.79
N LYS B 399 -14.05 -7.08 -4.22
CA LYS B 399 -13.83 -7.26 -2.80
C LYS B 399 -14.89 -6.53 -1.99
N THR B 400 -15.26 -5.33 -2.41
CA THR B 400 -16.22 -4.54 -1.64
C THR B 400 -17.62 -5.15 -1.69
N ILE B 401 -18.12 -5.44 -2.90
CA ILE B 401 -19.47 -5.95 -3.03
C ILE B 401 -19.61 -7.32 -2.38
N LEU B 402 -18.56 -8.14 -2.45
CA LEU B 402 -18.60 -9.47 -1.87
C LEU B 402 -18.22 -9.51 -0.40
N SER B 403 -17.88 -8.37 0.20
CA SER B 403 -17.61 -8.33 1.63
C SER B 403 -18.88 -8.16 2.45
N PHE B 404 -20.01 -7.92 1.81
CA PHE B 404 -21.26 -7.75 2.54
C PHE B 404 -21.93 -9.09 2.74
N PRO C 2 -14.24 7.78 37.40
CA PRO C 2 -13.60 6.96 36.37
C PRO C 2 -12.41 6.18 36.89
N PRO C 3 -12.49 4.84 36.89
CA PRO C 3 -11.40 4.03 37.43
C PRO C 3 -10.22 3.96 36.46
N THR C 4 -9.03 4.29 36.96
CA THR C 4 -7.81 4.15 36.17
C THR C 4 -7.36 2.69 36.18
N SER C 5 -6.26 2.42 35.47
CA SER C 5 -5.77 1.05 35.38
C SER C 5 -5.23 0.56 36.73
N ASP C 6 -4.49 1.42 37.44
CA ASP C 6 -3.99 1.05 38.77
C ASP C 6 -5.14 0.75 39.72
N ASP C 7 -6.20 1.56 39.69
CA ASP C 7 -7.35 1.32 40.55
C ASP C 7 -7.98 -0.03 40.25
N ILE C 8 -8.07 -0.39 38.97
CA ILE C 8 -8.68 -1.67 38.58
C ILE C 8 -7.82 -2.83 39.07
N PHE C 9 -6.49 -2.75 38.84
CA PHE C 9 -5.59 -3.77 39.36
C PHE C 9 -5.76 -3.94 40.87
N GLU C 10 -5.76 -2.82 41.60
CA GLU C 10 -5.81 -2.88 43.06
C GLU C 10 -7.14 -3.46 43.54
N ARG C 11 -8.24 -3.10 42.87
CA ARG C 11 -9.55 -3.62 43.28
C ARG C 11 -9.63 -5.12 43.06
N GLU C 12 -9.17 -5.60 41.90
CA GLU C 12 -9.17 -7.05 41.67
C GLU C 12 -8.29 -7.76 42.69
N TYR C 13 -7.12 -7.18 43.00
CA TYR C 13 -6.26 -7.76 44.02
C TYR C 13 -6.94 -7.80 45.38
N LYS C 14 -7.80 -6.81 45.66
CA LYS C 14 -8.45 -6.75 46.96
C LYS C 14 -9.58 -7.78 47.08
N TYR C 15 -10.42 -7.92 46.05
CA TYR C 15 -11.65 -8.70 46.18
C TYR C 15 -11.66 -9.99 45.38
N GLY C 16 -10.65 -10.24 44.56
CA GLY C 16 -10.64 -11.39 43.68
C GLY C 16 -9.53 -12.37 44.03
N ALA C 17 -9.76 -13.64 43.73
CA ALA C 17 -8.73 -14.65 43.92
C ALA C 17 -7.48 -14.30 43.11
N HIS C 18 -6.33 -14.75 43.63
CA HIS C 18 -5.03 -14.50 42.99
C HIS C 18 -4.60 -15.66 42.11
N ASN C 19 -5.54 -16.27 41.37
CA ASN C 19 -5.20 -17.40 40.52
C ASN C 19 -4.58 -16.97 39.18
N TYR C 20 -4.44 -15.68 38.93
CA TYR C 20 -3.79 -15.17 37.73
C TYR C 20 -2.83 -14.05 38.10
N HIS C 21 -1.84 -13.83 37.23
CA HIS C 21 -1.01 -12.63 37.25
C HIS C 21 -1.04 -12.05 35.85
N PRO C 22 -2.08 -11.30 35.51
CA PRO C 22 -2.22 -10.81 34.13
C PRO C 22 -1.19 -9.75 33.80
N LEU C 23 -1.02 -9.54 32.49
CA LEU C 23 -0.22 -8.41 32.00
C LEU C 23 -0.86 -7.11 32.49
N PRO C 24 -0.09 -6.22 33.12
CA PRO C 24 -0.67 -4.99 33.69
C PRO C 24 -1.28 -4.05 32.65
N VAL C 25 -2.41 -4.44 32.09
CA VAL C 25 -3.19 -3.58 31.20
C VAL C 25 -4.67 -3.87 31.47
N ALA C 26 -5.49 -2.83 31.46
CA ALA C 26 -6.89 -2.91 31.88
C ALA C 26 -7.78 -2.46 30.72
N LEU C 27 -8.33 -3.44 30.01
CA LEU C 27 -9.12 -3.19 28.81
C LEU C 27 -10.57 -2.87 29.17
N GLU C 28 -11.16 -1.93 28.42
CA GLU C 28 -12.59 -1.66 28.56
C GLU C 28 -13.35 -1.68 27.24
N ARG C 29 -12.67 -1.73 26.09
CA ARG C 29 -13.39 -1.84 24.84
C ARG C 29 -12.63 -2.76 23.88
N GLY C 30 -13.38 -3.48 23.06
CA GLY C 30 -12.79 -4.33 22.05
C GLY C 30 -13.57 -4.30 20.75
N LYS C 31 -12.86 -4.23 19.63
CA LYS C 31 -13.54 -4.21 18.34
C LYS C 31 -12.57 -4.71 17.28
N GLY C 32 -12.94 -5.75 16.57
CA GLY C 32 -12.07 -6.32 15.55
C GLY C 32 -10.75 -6.74 16.13
N ILE C 33 -9.66 -6.21 15.55
CA ILE C 33 -8.31 -6.56 16.01
C ILE C 33 -7.82 -5.65 17.14
N TYR C 34 -8.63 -4.70 17.60
CA TYR C 34 -8.15 -3.66 18.50
C TYR C 34 -8.79 -3.77 19.88
N LEU C 35 -8.01 -3.38 20.89
CA LEU C 35 -8.47 -3.23 22.25
C LEU C 35 -8.15 -1.83 22.76
N TRP C 36 -8.98 -1.33 23.66
CA TRP C 36 -8.82 0.00 24.25
C TRP C 36 -8.90 -0.12 25.76
N ASP C 37 -7.89 0.43 26.45
CA ASP C 37 -7.86 0.45 27.90
C ASP C 37 -8.67 1.64 28.43
N VAL C 38 -8.73 1.78 29.76
CA VAL C 38 -9.50 2.85 30.35
C VAL C 38 -8.86 4.21 30.12
N GLU C 39 -7.56 4.25 29.85
CA GLU C 39 -6.89 5.51 29.52
C GLU C 39 -7.14 5.94 28.07
N GLY C 40 -7.90 5.16 27.30
CA GLY C 40 -8.14 5.47 25.91
C GLY C 40 -7.06 5.03 24.96
N ARG C 41 -6.04 4.32 25.45
CA ARG C 41 -4.97 3.85 24.58
C ARG C 41 -5.43 2.67 23.74
N LYS C 42 -4.79 2.51 22.59
CA LYS C 42 -5.21 1.54 21.58
C LYS C 42 -4.11 0.50 21.39
N TYR C 43 -4.50 -0.78 21.39
CA TYR C 43 -3.56 -1.88 21.29
C TYR C 43 -4.01 -2.85 20.21
N PHE C 44 -3.04 -3.40 19.48
CA PHE C 44 -3.26 -4.62 18.72
C PHE C 44 -3.42 -5.79 19.68
N ASP C 45 -4.44 -6.61 19.46
CA ASP C 45 -4.62 -7.85 20.22
C ASP C 45 -3.92 -8.97 19.48
N PHE C 46 -2.84 -9.51 20.07
CA PHE C 46 -2.11 -10.62 19.49
C PHE C 46 -2.21 -11.89 20.33
N LEU C 47 -3.26 -12.01 21.11
CA LEU C 47 -3.62 -13.26 21.77
C LEU C 47 -4.99 -13.77 21.36
N SER C 48 -5.91 -12.88 21.03
CA SER C 48 -7.24 -13.24 20.54
C SER C 48 -8.01 -14.10 21.54
N SER C 49 -7.72 -13.91 22.83
CA SER C 49 -8.38 -14.66 23.90
C SER C 49 -8.25 -16.16 23.66
N TYR C 50 -7.05 -16.60 23.26
CA TYR C 50 -6.76 -18.00 22.97
C TYR C 50 -7.67 -18.54 21.88
N SER C 51 -7.81 -17.78 20.79
CA SER C 51 -8.63 -18.05 19.60
C SER C 51 -10.12 -17.83 19.85
N ALA C 52 -10.55 -17.39 21.03
CA ALA C 52 -11.98 -17.22 21.27
C ALA C 52 -12.56 -16.07 20.45
N VAL C 53 -11.74 -15.08 20.07
CA VAL C 53 -12.23 -14.01 19.19
C VAL C 53 -11.50 -14.08 17.86
N ASN C 54 -11.43 -15.28 17.28
CA ASN C 54 -10.91 -15.43 15.93
C ASN C 54 -11.63 -14.49 14.97
N GLN C 55 -12.94 -14.32 15.16
CA GLN C 55 -13.74 -13.42 14.35
C GLN C 55 -13.51 -11.95 14.67
N GLY C 56 -12.57 -11.64 15.57
CA GLY C 56 -12.44 -10.30 16.10
C GLY C 56 -13.39 -10.05 17.27
N HIS C 57 -13.05 -9.03 18.06
CA HIS C 57 -13.89 -8.66 19.20
C HIS C 57 -15.19 -8.04 18.71
N CYS C 58 -16.29 -8.48 19.32
CA CYS C 58 -17.61 -7.86 19.12
C CYS C 58 -17.99 -7.78 17.64
N HIS C 59 -17.84 -8.91 16.95
CA HIS C 59 -18.20 -8.94 15.54
C HIS C 59 -19.70 -8.66 15.39
N PRO C 60 -20.09 -7.79 14.46
CA PRO C 60 -21.49 -7.34 14.44
C PRO C 60 -22.51 -8.43 14.21
N LYS C 61 -22.19 -9.43 13.38
CA LYS C 61 -23.17 -10.48 13.09
C LYS C 61 -23.46 -11.32 14.34
N ILE C 62 -22.43 -11.68 15.10
CA ILE C 62 -22.63 -12.48 16.31
C ILE C 62 -23.34 -11.65 17.38
N VAL C 63 -22.96 -10.37 17.49
CA VAL C 63 -23.66 -9.45 18.40
C VAL C 63 -25.14 -9.40 18.05
N ASN C 64 -25.46 -9.33 16.76
CA ASN C 64 -26.86 -9.24 16.35
C ASN C 64 -27.60 -10.54 16.64
N ALA C 65 -26.96 -11.68 16.41
CA ALA C 65 -27.58 -12.96 16.77
C ALA C 65 -27.92 -12.99 18.25
N LEU C 66 -26.98 -12.60 19.10
CA LEU C 66 -27.22 -12.63 20.55
C LEU C 66 -28.33 -11.66 20.94
N LYS C 67 -28.28 -10.43 20.43
CA LYS C 67 -29.32 -9.45 20.75
C LYS C 67 -30.68 -9.91 20.29
N SER C 68 -30.75 -10.58 19.13
CA SER C 68 -32.02 -11.09 18.65
C SER C 68 -32.55 -12.20 19.55
N GLN C 69 -31.67 -13.07 20.03
CA GLN C 69 -32.15 -14.22 20.78
C GLN C 69 -32.46 -13.90 22.23
N VAL C 70 -31.80 -12.91 22.84
CA VAL C 70 -32.05 -12.63 24.25
C VAL C 70 -33.47 -12.12 24.48
N ASP C 71 -34.07 -11.50 23.46
CA ASP C 71 -35.44 -11.03 23.58
C ASP C 71 -36.46 -12.16 23.55
N LYS C 72 -36.06 -13.37 23.14
CA LYS C 72 -37.00 -14.48 22.97
C LYS C 72 -36.90 -15.49 24.09
N LEU C 73 -35.72 -16.05 24.30
CA LEU C 73 -35.53 -17.18 25.20
C LEU C 73 -34.04 -17.47 25.36
N THR C 74 -33.55 -17.62 26.59
CA THR C 74 -32.13 -17.86 26.81
C THR C 74 -31.82 -19.18 27.49
N LEU C 75 -32.73 -19.75 28.27
CA LEU C 75 -32.43 -21.00 28.97
C LEU C 75 -33.72 -21.66 29.46
N THR C 76 -34.02 -22.85 28.94
CA THR C 76 -35.08 -23.69 29.47
C THR C 76 -34.55 -24.83 30.33
N SER C 77 -33.24 -25.09 30.29
CA SER C 77 -32.62 -26.34 30.70
C SER C 77 -33.02 -27.47 29.76
N ARG C 78 -32.32 -28.59 29.82
CA ARG C 78 -32.58 -29.71 28.92
C ARG C 78 -33.70 -30.62 29.41
N ALA C 79 -34.36 -30.28 30.51
CA ALA C 79 -35.56 -31.01 30.90
C ALA C 79 -36.69 -30.80 29.90
N PHE C 80 -36.62 -29.75 29.10
CA PHE C 80 -37.52 -29.54 27.98
C PHE C 80 -36.70 -29.24 26.73
N TYR C 81 -37.38 -29.20 25.59
CA TYR C 81 -36.75 -28.81 24.34
C TYR C 81 -36.87 -27.32 24.13
N ASN C 82 -35.86 -26.74 23.47
CA ASN C 82 -35.96 -25.41 22.89
C ASN C 82 -35.82 -25.53 21.38
N ASN C 83 -36.25 -24.48 20.67
CA ASN C 83 -36.35 -24.59 19.22
C ASN C 83 -35.01 -24.46 18.49
N VAL C 84 -33.97 -23.97 19.15
CA VAL C 84 -32.74 -23.60 18.46
C VAL C 84 -31.73 -24.75 18.42
N LEU C 85 -31.69 -25.56 19.50
CA LEU C 85 -30.63 -26.55 19.65
C LEU C 85 -30.53 -27.48 18.45
N GLY C 86 -31.68 -27.99 17.98
CA GLY C 86 -31.65 -28.90 16.84
C GLY C 86 -31.12 -28.23 15.58
N GLU C 87 -31.51 -26.98 15.35
CA GLU C 87 -30.99 -26.22 14.21
C GLU C 87 -29.46 -26.13 14.28
N TYR C 88 -28.94 -25.72 15.43
CA TYR C 88 -27.49 -25.61 15.59
C TYR C 88 -26.80 -26.96 15.43
N GLU C 89 -27.41 -28.03 15.96
CA GLU C 89 -26.81 -29.35 15.87
C GLU C 89 -26.71 -29.81 14.43
N GLU C 90 -27.82 -29.69 13.68
CA GLU C 90 -27.76 -30.02 12.26
C GLU C 90 -26.67 -29.22 11.56
N TYR C 91 -26.64 -27.91 11.81
CA TYR C 91 -25.64 -27.05 11.16
C TYR C 91 -24.22 -27.54 11.41
N ILE C 92 -23.85 -27.68 12.69
CA ILE C 92 -22.45 -27.94 13.01
C ILE C 92 -22.05 -29.36 12.62
N THR C 93 -22.94 -30.33 12.83
CA THR C 93 -22.64 -31.70 12.44
C THR C 93 -22.44 -31.83 10.95
N LYS C 94 -23.29 -31.17 10.14
CA LYS C 94 -23.09 -31.20 8.70
C LYS C 94 -21.81 -30.47 8.32
N LEU C 95 -21.48 -29.40 9.04
CA LEU C 95 -20.31 -28.61 8.69
C LEU C 95 -19.03 -29.43 8.86
N PHE C 96 -18.92 -30.22 9.92
CA PHE C 96 -17.72 -31.00 10.14
C PHE C 96 -17.87 -32.48 9.76
N ASN C 97 -19.03 -32.86 9.22
CA ASN C 97 -19.33 -34.24 8.83
C ASN C 97 -19.00 -35.22 9.94
N TYR C 98 -19.69 -35.05 11.05
CA TYR C 98 -19.88 -36.08 12.05
C TYR C 98 -21.39 -36.23 12.25
N HIS C 99 -21.80 -37.39 12.75
CA HIS C 99 -23.23 -37.65 12.85
C HIS C 99 -23.87 -36.86 13.99
N LYS C 100 -23.20 -36.78 15.14
CA LYS C 100 -23.78 -36.10 16.28
C LYS C 100 -22.76 -35.20 16.97
N VAL C 101 -23.33 -34.22 17.68
CA VAL C 101 -22.62 -33.29 18.54
C VAL C 101 -23.27 -33.32 19.92
N LEU C 102 -22.45 -33.30 20.96
CA LEU C 102 -22.90 -33.11 22.32
C LEU C 102 -22.46 -31.73 22.79
N PRO C 103 -23.40 -30.84 23.13
CA PRO C 103 -23.04 -29.47 23.48
C PRO C 103 -22.70 -29.30 24.94
N MET C 104 -21.64 -28.53 25.20
CA MET C 104 -21.27 -28.12 26.55
C MET C 104 -20.94 -26.63 26.52
N ASN C 105 -20.36 -26.13 27.61
CA ASN C 105 -20.13 -24.70 27.77
C ASN C 105 -18.66 -24.31 27.68
N THR C 106 -17.80 -24.97 28.44
CA THR C 106 -16.38 -24.65 28.46
C THR C 106 -15.58 -25.75 27.77
N GLY C 107 -14.31 -25.44 27.47
CA GLY C 107 -13.47 -26.40 26.77
C GLY C 107 -13.17 -27.62 27.61
N VAL C 108 -12.94 -27.42 28.91
CA VAL C 108 -12.62 -28.56 29.76
C VAL C 108 -13.85 -29.44 29.95
N GLU C 109 -15.05 -28.86 29.89
CA GLU C 109 -16.25 -29.70 29.90
C GLU C 109 -16.31 -30.58 28.65
N ALA C 110 -15.93 -30.02 27.49
CA ALA C 110 -15.83 -30.84 26.30
C ALA C 110 -14.81 -31.96 26.48
N GLY C 111 -13.66 -31.65 27.10
CA GLY C 111 -12.66 -32.69 27.32
C GLY C 111 -13.14 -33.78 28.26
N GLU C 112 -13.76 -33.39 29.37
CA GLU C 112 -14.32 -34.36 30.30
C GLU C 112 -15.36 -35.24 29.61
N THR C 113 -16.21 -34.63 28.77
CA THR C 113 -17.19 -35.41 28.03
C THR C 113 -16.50 -36.39 27.08
N ALA C 114 -15.43 -35.95 26.43
CA ALA C 114 -14.68 -36.84 25.55
C ALA C 114 -14.12 -38.05 26.33
N CYS C 115 -13.58 -37.80 27.53
CA CYS C 115 -13.04 -38.90 28.33
C CYS C 115 -14.15 -39.85 28.80
N LYS C 116 -15.30 -39.30 29.21
CA LYS C 116 -16.42 -40.15 29.60
C LYS C 116 -16.91 -40.98 28.42
N LEU C 117 -16.98 -40.38 27.24
CA LEU C 117 -17.34 -41.12 26.04
C LEU C 117 -16.36 -42.24 25.76
N ALA C 118 -15.05 -41.92 25.83
CA ALA C 118 -14.03 -42.92 25.56
C ALA C 118 -14.11 -44.08 26.54
N ARG C 119 -14.33 -43.78 27.82
CA ARG C 119 -14.42 -44.86 28.80
C ARG C 119 -15.68 -45.70 28.60
N LYS C 120 -16.83 -45.06 28.37
CA LYS C 120 -18.07 -45.81 28.19
C LYS C 120 -18.01 -46.67 26.91
N TRP C 121 -17.42 -46.13 25.85
CA TRP C 121 -17.25 -46.91 24.62
C TRP C 121 -16.25 -48.04 24.83
N GLY C 122 -15.18 -47.78 25.57
CA GLY C 122 -14.20 -48.82 25.85
C GLY C 122 -14.79 -49.97 26.64
N TYR C 123 -15.72 -49.68 27.54
CA TYR C 123 -16.34 -50.74 28.33
C TYR C 123 -17.45 -51.45 27.56
N THR C 124 -18.35 -50.69 26.94
CA THR C 124 -19.56 -51.26 26.35
C THR C 124 -19.36 -51.75 24.91
N VAL C 125 -18.38 -51.22 24.18
CA VAL C 125 -18.13 -51.61 22.80
C VAL C 125 -16.84 -52.43 22.67
N LYS C 126 -15.71 -51.84 23.10
CA LYS C 126 -14.43 -52.53 22.98
CA LYS C 126 -14.44 -52.54 22.97
C LYS C 126 -14.36 -53.75 23.89
N GLY C 127 -15.06 -53.72 25.01
CA GLY C 127 -15.08 -54.84 25.92
C GLY C 127 -14.02 -54.82 26.99
N ILE C 128 -13.42 -53.65 27.28
CA ILE C 128 -12.47 -53.54 28.37
C ILE C 128 -13.17 -53.84 29.69
N GLN C 129 -12.50 -54.61 30.55
CA GLN C 129 -13.06 -54.88 31.87
C GLN C 129 -13.20 -53.59 32.67
N LYS C 130 -14.25 -53.52 33.48
CA LYS C 130 -14.73 -52.25 34.00
C LYS C 130 -13.69 -51.60 34.92
N TYR C 131 -13.26 -50.41 34.51
CA TYR C 131 -12.49 -49.43 35.28
C TYR C 131 -11.00 -49.73 35.14
N LYS C 132 -10.65 -50.55 34.15
CA LYS C 132 -9.29 -50.70 33.67
C LYS C 132 -8.97 -49.81 32.48
N ALA C 133 -9.99 -49.16 31.90
CA ALA C 133 -9.78 -48.38 30.68
C ALA C 133 -8.76 -47.28 30.92
N LYS C 134 -7.88 -47.10 29.95
CA LYS C 134 -6.83 -46.10 30.00
C LYS C 134 -7.01 -45.10 28.88
N ILE C 135 -6.65 -43.84 29.14
CA ILE C 135 -6.60 -42.81 28.13
C ILE C 135 -5.19 -42.25 28.11
N VAL C 136 -4.61 -42.15 26.92
CA VAL C 136 -3.24 -41.69 26.75
C VAL C 136 -3.24 -40.23 26.28
N PHE C 137 -2.36 -39.43 26.88
CA PHE C 137 -2.20 -38.03 26.58
C PHE C 137 -0.74 -37.78 26.21
N ALA C 138 -0.49 -36.65 25.58
CA ALA C 138 0.86 -36.23 25.21
C ALA C 138 1.38 -35.23 26.23
N ALA C 139 2.64 -35.40 26.63
CA ALA C 139 3.26 -34.46 27.54
C ALA C 139 3.16 -33.04 27.00
N GLY C 140 2.98 -32.07 27.89
CA GLY C 140 2.71 -30.70 27.50
C GLY C 140 1.26 -30.40 27.20
N ASN C 141 0.36 -31.38 27.32
CA ASN C 141 -1.03 -31.14 27.00
C ASN C 141 -1.65 -30.14 27.97
N PHE C 142 -2.61 -29.38 27.46
CA PHE C 142 -3.47 -28.55 28.30
C PHE C 142 -4.90 -28.70 27.80
N TRP C 143 -5.79 -29.14 28.68
CA TRP C 143 -7.20 -29.13 28.31
C TRP C 143 -8.12 -28.69 29.44
N GLY C 144 -7.60 -27.96 30.43
CA GLY C 144 -8.45 -27.37 31.44
C GLY C 144 -7.87 -27.52 32.83
N ARG C 145 -8.71 -27.19 33.81
CA ARG C 145 -8.27 -27.04 35.20
C ARG C 145 -9.03 -27.92 36.19
N THR C 146 -9.86 -28.85 35.71
CA THR C 146 -10.51 -29.78 36.62
C THR C 146 -9.48 -30.73 37.23
N LEU C 147 -9.94 -31.52 38.21
CA LEU C 147 -9.08 -32.54 38.80
C LEU C 147 -8.58 -33.54 37.75
N SER C 148 -9.46 -33.99 36.86
CA SER C 148 -9.05 -34.89 35.80
C SER C 148 -8.04 -34.22 34.87
N ALA C 149 -8.39 -33.04 34.36
CA ALA C 149 -7.55 -32.34 33.40
C ALA C 149 -6.13 -32.16 33.94
N ILE C 150 -6.00 -31.77 35.22
CA ILE C 150 -4.66 -31.62 35.79
C ILE C 150 -4.05 -32.98 36.12
N SER C 151 -4.86 -34.02 36.31
CA SER C 151 -4.32 -35.36 36.48
C SER C 151 -3.56 -35.81 35.24
N SER C 152 -3.91 -35.30 34.06
CA SER C 152 -3.14 -35.65 32.87
C SER C 152 -2.02 -34.65 32.53
N SER C 153 -1.85 -33.59 33.32
CA SER C 153 -0.85 -32.58 32.98
C SER C 153 0.54 -33.00 33.42
N THR C 154 1.54 -32.58 32.63
CA THR C 154 2.94 -32.67 33.02
C THR C 154 3.49 -31.36 33.56
N ASP C 155 2.65 -30.33 33.69
CA ASP C 155 3.05 -29.07 34.28
C ASP C 155 2.78 -29.14 35.78
N PRO C 156 3.80 -29.12 36.64
CA PRO C 156 3.54 -29.21 38.09
C PRO C 156 2.77 -28.03 38.64
N THR C 157 2.76 -26.87 37.98
CA THR C 157 1.93 -25.78 38.44
C THR C 157 0.45 -26.11 38.30
N SER C 158 0.11 -27.04 37.41
CA SER C 158 -1.29 -27.43 37.24
C SER C 158 -1.74 -28.37 38.36
N TYR C 159 -0.89 -29.34 38.74
CA TYR C 159 -1.36 -30.45 39.57
C TYR C 159 -0.72 -30.54 40.96
N ASP C 160 0.42 -29.90 41.19
CA ASP C 160 1.07 -29.99 42.50
C ASP C 160 0.16 -29.44 43.59
N GLY C 161 -0.04 -30.23 44.65
CA GLY C 161 -0.84 -29.80 45.77
C GLY C 161 -2.34 -29.89 45.57
N PHE C 162 -2.80 -30.55 44.51
CA PHE C 162 -4.23 -30.65 44.22
C PHE C 162 -4.76 -32.08 44.40
N GLY C 163 -4.29 -32.75 45.46
CA GLY C 163 -4.89 -33.97 45.93
C GLY C 163 -4.59 -35.13 45.03
N PRO C 164 -5.02 -36.34 45.43
CA PRO C 164 -4.81 -37.52 44.59
C PRO C 164 -5.45 -37.33 43.23
N PHE C 165 -4.88 -37.98 42.23
CA PHE C 165 -5.20 -37.70 40.84
C PHE C 165 -6.03 -38.82 40.23
N MET C 166 -6.70 -38.49 39.15
CA MET C 166 -7.53 -39.44 38.43
C MET C 166 -6.67 -40.57 37.89
N PRO C 167 -6.94 -41.81 38.25
CA PRO C 167 -6.20 -42.93 37.66
C PRO C 167 -6.66 -43.18 36.23
N GLY C 168 -5.90 -44.03 35.54
CA GLY C 168 -6.24 -44.42 34.19
C GLY C 168 -5.78 -43.46 33.12
N PHE C 169 -4.90 -42.52 33.43
CA PHE C 169 -4.36 -41.58 32.46
C PHE C 169 -2.86 -41.84 32.32
N ASP C 170 -2.44 -42.17 31.11
CA ASP C 170 -1.03 -42.37 30.80
C ASP C 170 -0.53 -41.21 29.96
N ILE C 171 0.75 -40.91 30.06
CA ILE C 171 1.35 -39.77 29.37
C ILE C 171 2.55 -40.26 28.58
N ILE C 172 2.63 -39.84 27.32
CA ILE C 172 3.76 -40.15 26.44
C ILE C 172 4.26 -38.85 25.81
N PRO C 173 5.44 -38.83 25.20
CA PRO C 173 5.87 -37.59 24.55
C PRO C 173 4.99 -37.20 23.38
N TYR C 174 4.84 -35.90 23.20
CA TYR C 174 4.21 -35.36 22.01
C TYR C 174 5.10 -35.61 20.79
N ASN C 175 4.48 -35.60 19.60
CA ASN C 175 5.21 -35.68 18.34
C ASN C 175 6.13 -36.90 18.31
N ASP C 176 5.59 -38.05 18.73
CA ASP C 176 6.41 -39.26 18.90
C ASP C 176 5.54 -40.48 18.56
N LEU C 177 5.61 -40.90 17.30
CA LEU C 177 4.88 -42.06 16.80
C LEU C 177 5.32 -43.37 17.44
N PRO C 178 6.64 -43.65 17.56
CA PRO C 178 7.04 -44.89 18.26
C PRO C 178 6.51 -44.98 19.68
N ALA C 179 6.48 -43.87 20.41
CA ALA C 179 5.94 -43.90 21.78
C ALA C 179 4.45 -44.21 21.75
N LEU C 180 3.72 -43.68 20.78
CA LEU C 180 2.30 -44.01 20.67
C LEU C 180 2.09 -45.49 20.35
N GLU C 181 2.88 -46.04 19.43
CA GLU C 181 2.76 -47.46 19.12
C GLU C 181 3.04 -48.32 20.35
N ARG C 182 4.14 -48.02 21.05
CA ARG C 182 4.48 -48.76 22.26
C ARG C 182 3.36 -48.68 23.29
N ALA C 183 2.83 -47.48 23.53
CA ALA C 183 1.75 -47.32 24.50
C ALA C 183 0.50 -48.07 24.07
N LEU C 184 0.21 -48.09 22.78
CA LEU C 184 -1.01 -48.72 22.29
C LEU C 184 -0.88 -50.23 22.18
N GLN C 185 0.29 -50.79 22.47
CA GLN C 185 0.33 -52.24 22.67
C GLN C 185 -0.58 -52.70 23.81
N ASP C 186 -0.97 -51.82 24.71
CA ASP C 186 -1.83 -52.18 25.85
C ASP C 186 -3.29 -52.23 25.40
N PRO C 187 -3.95 -53.40 25.44
CA PRO C 187 -5.33 -53.49 24.93
C PRO C 187 -6.35 -52.77 25.78
N ASN C 188 -5.99 -52.29 26.96
CA ASN C 188 -6.94 -51.55 27.81
C ASN C 188 -6.96 -50.05 27.50
N VAL C 189 -6.17 -49.57 26.55
CA VAL C 189 -6.28 -48.19 26.13
C VAL C 189 -7.53 -48.00 25.30
N ALA C 190 -8.37 -47.06 25.69
CA ALA C 190 -9.59 -46.75 24.94
C ALA C 190 -9.44 -45.52 24.05
N ALA C 191 -8.52 -44.61 24.38
CA ALA C 191 -8.43 -43.37 23.63
C ALA C 191 -7.04 -42.76 23.78
N PHE C 192 -6.67 -41.97 22.78
CA PHE C 192 -5.53 -41.08 22.82
C PHE C 192 -6.03 -39.68 22.50
N MET C 193 -5.84 -38.76 23.43
CA MET C 193 -6.25 -37.38 23.28
C MET C 193 -5.03 -36.50 23.05
N VAL C 194 -5.11 -35.64 22.04
CA VAL C 194 -3.94 -34.87 21.64
C VAL C 194 -4.39 -33.60 20.92
N GLU C 195 -3.60 -32.56 21.07
CA GLU C 195 -3.78 -31.32 20.33
C GLU C 195 -2.99 -31.38 19.02
N PRO C 196 -3.59 -31.02 17.88
CA PRO C 196 -2.82 -30.99 16.63
C PRO C 196 -1.65 -30.04 16.68
N ILE C 197 -1.81 -28.91 17.37
CA ILE C 197 -0.71 -28.04 17.78
C ILE C 197 -0.91 -27.72 19.25
N GLN C 198 0.12 -27.92 20.06
CA GLN C 198 -0.02 -27.69 21.49
C GLN C 198 0.02 -26.20 21.76
N GLY C 199 -1.12 -25.64 22.16
CA GLY C 199 -1.22 -24.22 22.39
C GLY C 199 -0.49 -23.76 23.63
N GLU C 200 -0.95 -24.23 24.79
CA GLU C 200 -0.40 -23.75 26.05
C GLU C 200 1.06 -24.14 26.23
N ALA C 201 1.48 -25.26 25.61
CA ALA C 201 2.88 -25.67 25.69
C ALA C 201 3.82 -24.71 24.99
N GLY C 202 3.32 -23.84 24.12
CA GLY C 202 4.15 -22.87 23.44
C GLY C 202 4.06 -22.93 21.93
N VAL C 203 2.88 -23.28 21.42
CA VAL C 203 2.63 -23.43 19.99
C VAL C 203 3.62 -24.45 19.44
N VAL C 204 3.58 -25.67 19.98
CA VAL C 204 4.47 -26.74 19.56
C VAL C 204 3.82 -27.43 18.36
N VAL C 205 4.43 -27.31 17.19
CA VAL C 205 3.92 -27.88 15.96
C VAL C 205 4.62 -29.23 15.73
N PRO C 206 3.87 -30.32 15.64
CA PRO C 206 4.52 -31.63 15.42
C PRO C 206 5.03 -31.75 14.00
N ASP C 207 5.89 -32.73 13.79
CA ASP C 207 6.48 -32.94 12.48
C ASP C 207 5.40 -33.32 11.48
N PRO C 208 5.61 -33.02 10.19
CA PRO C 208 4.67 -33.47 9.17
C PRO C 208 4.52 -34.98 9.18
N GLY C 209 3.28 -35.45 9.11
CA GLY C 209 2.97 -36.86 9.14
C GLY C 209 2.63 -37.40 10.52
N TYR C 210 2.80 -36.60 11.58
CA TYR C 210 2.47 -37.06 12.92
C TYR C 210 0.98 -37.38 13.05
N LEU C 211 0.12 -36.50 12.54
CA LEU C 211 -1.31 -36.71 12.66
C LEU C 211 -1.77 -37.92 11.86
N MET C 212 -1.17 -38.13 10.68
CA MET C 212 -1.46 -39.33 9.90
C MET C 212 -1.05 -40.58 10.66
N GLY C 213 0.14 -40.56 11.28
CA GLY C 213 0.59 -41.70 12.05
C GLY C 213 -0.30 -41.98 13.24
N VAL C 214 -0.76 -40.92 13.91
CA VAL C 214 -1.67 -41.09 15.03
C VAL C 214 -2.97 -41.73 14.57
N ARG C 215 -3.53 -41.25 13.45
CA ARG C 215 -4.76 -41.82 12.92
C ARG C 215 -4.57 -43.31 12.60
N GLU C 216 -3.46 -43.65 11.94
CA GLU C 216 -3.25 -45.05 11.55
C GLU C 216 -3.03 -45.94 12.76
N LEU C 217 -2.27 -45.46 13.76
CA LEU C 217 -2.05 -46.26 14.97
C LEU C 217 -3.34 -46.46 15.75
N CYS C 218 -4.15 -45.41 15.88
CA CYS C 218 -5.42 -45.55 16.59
C CYS C 218 -6.35 -46.52 15.88
N THR C 219 -6.44 -46.41 14.56
CA THR C 219 -7.30 -47.33 13.82
C THR C 219 -6.78 -48.77 13.92
N ARG C 220 -5.46 -48.96 13.82
CA ARG C 220 -4.88 -50.29 13.85
C ARG C 220 -5.12 -50.99 15.18
N HIS C 221 -5.15 -50.23 16.28
CA HIS C 221 -5.30 -50.79 17.62
C HIS C 221 -6.67 -50.52 18.22
N GLN C 222 -7.68 -50.28 17.39
CA GLN C 222 -9.02 -49.85 17.81
C GLN C 222 -8.98 -48.95 19.03
N VAL C 223 -8.38 -47.77 18.88
CA VAL C 223 -8.29 -46.77 19.93
C VAL C 223 -8.89 -45.47 19.39
N LEU C 224 -9.64 -44.76 20.24
CA LEU C 224 -10.29 -43.53 19.81
C LEU C 224 -9.27 -42.39 19.69
N PHE C 225 -9.25 -41.76 18.52
CA PHE C 225 -8.42 -40.58 18.28
C PHE C 225 -9.23 -39.34 18.67
N ILE C 226 -8.89 -38.73 19.81
CA ILE C 226 -9.54 -37.52 20.28
C ILE C 226 -8.65 -36.34 19.93
N ALA C 227 -9.12 -35.47 19.04
CA ALA C 227 -8.40 -34.29 18.65
C ALA C 227 -8.97 -33.08 19.39
N ASP C 228 -8.13 -32.44 20.20
CA ASP C 228 -8.51 -31.25 20.94
C ASP C 228 -8.24 -30.04 20.04
N GLU C 229 -9.27 -29.57 19.35
CA GLU C 229 -9.17 -28.43 18.46
C GLU C 229 -9.84 -27.19 19.02
N ILE C 230 -9.89 -27.09 20.36
CA ILE C 230 -10.55 -25.94 21.00
C ILE C 230 -9.78 -24.65 20.72
N GLN C 231 -8.45 -24.75 20.65
CA GLN C 231 -7.63 -23.62 20.22
C GLN C 231 -7.29 -23.65 18.74
N THR C 232 -6.93 -24.83 18.21
CA THR C 232 -6.40 -24.94 16.85
C THR C 232 -7.49 -24.94 15.78
N GLY C 233 -8.74 -25.16 16.15
CA GLY C 233 -9.81 -25.25 15.19
C GLY C 233 -10.40 -23.90 14.80
N LEU C 234 -11.37 -23.96 13.90
CA LEU C 234 -12.15 -22.80 13.49
C LEU C 234 -11.25 -21.73 12.87
N ALA C 235 -10.46 -22.14 11.88
CA ALA C 235 -9.70 -21.32 10.96
C ALA C 235 -8.43 -20.70 11.55
N ARG C 236 -8.14 -20.91 12.83
CA ARG C 236 -6.98 -20.24 13.45
C ARG C 236 -5.67 -20.64 12.76
N THR C 237 -5.50 -21.92 12.44
CA THR C 237 -4.26 -22.39 11.82
C THR C 237 -4.30 -22.35 10.29
N GLY C 238 -5.39 -21.85 9.70
CA GLY C 238 -5.51 -21.79 8.25
C GLY C 238 -6.36 -22.86 7.62
N ARG C 239 -6.99 -23.71 8.42
CA ARG C 239 -7.96 -24.69 7.95
C ARG C 239 -9.10 -24.74 8.97
N TRP C 240 -10.23 -25.32 8.56
CA TRP C 240 -11.36 -25.48 9.48
C TRP C 240 -10.91 -26.20 10.75
N LEU C 241 -10.14 -27.26 10.60
CA LEU C 241 -9.45 -27.92 11.70
C LEU C 241 -7.99 -28.06 11.32
N ALA C 242 -7.12 -28.03 12.32
CA ALA C 242 -5.68 -28.19 12.04
C ALA C 242 -5.41 -29.53 11.38
N VAL C 243 -6.15 -30.57 11.78
CA VAL C 243 -5.95 -31.91 11.21
C VAL C 243 -6.23 -31.94 9.71
N ASP C 244 -7.01 -30.98 9.20
CA ASP C 244 -7.24 -30.90 7.76
C ASP C 244 -5.95 -30.74 6.99
N TYR C 245 -4.90 -30.21 7.63
CA TYR C 245 -3.61 -30.10 6.94
C TYR C 245 -3.08 -31.46 6.49
N GLU C 246 -3.45 -32.53 7.20
CA GLU C 246 -3.02 -33.87 6.83
C GLU C 246 -4.20 -34.76 6.42
N ASN C 247 -5.38 -34.18 6.17
CA ASN C 247 -6.56 -34.93 5.74
C ASN C 247 -6.83 -36.10 6.67
N VAL C 248 -6.85 -35.81 7.97
CA VAL C 248 -7.01 -36.82 9.01
C VAL C 248 -8.37 -36.61 9.66
N ARG C 249 -9.13 -37.70 9.80
CA ARG C 249 -10.44 -37.62 10.43
C ARG C 249 -10.39 -38.25 11.82
N PRO C 250 -10.28 -37.46 12.88
CA PRO C 250 -10.27 -38.03 14.23
C PRO C 250 -11.61 -38.63 14.59
N ASP C 251 -11.57 -39.53 15.58
CA ASP C 251 -12.79 -40.21 16.01
C ASP C 251 -13.66 -39.29 16.88
N ILE C 252 -13.04 -38.41 17.66
CA ILE C 252 -13.75 -37.37 18.40
C ILE C 252 -13.06 -36.04 18.14
N VAL C 253 -13.84 -34.99 17.91
CA VAL C 253 -13.31 -33.64 17.72
C VAL C 253 -13.89 -32.74 18.80
N LEU C 254 -13.02 -32.05 19.53
CA LEU C 254 -13.43 -31.07 20.52
C LEU C 254 -13.32 -29.67 19.92
N LEU C 255 -14.36 -28.87 20.11
CA LEU C 255 -14.36 -27.49 19.66
C LEU C 255 -14.76 -26.57 20.81
N GLY C 256 -14.28 -25.34 20.76
CA GLY C 256 -14.68 -24.34 21.74
C GLY C 256 -14.26 -22.95 21.31
N LYS C 257 -14.29 -22.02 22.26
CA LYS C 257 -13.76 -20.68 22.10
C LYS C 257 -14.35 -19.95 20.90
N ALA C 258 -13.64 -19.95 19.77
CA ALA C 258 -14.11 -19.29 18.55
C ALA C 258 -15.48 -19.77 18.14
N LEU C 259 -15.92 -20.89 18.73
CA LEU C 259 -17.27 -21.40 18.50
C LEU C 259 -18.31 -20.34 18.75
N SER C 260 -18.01 -19.33 19.57
CA SER C 260 -18.98 -18.28 19.87
C SER C 260 -18.46 -16.87 19.61
N GLY C 261 -17.29 -16.74 18.98
CA GLY C 261 -16.71 -15.41 18.81
C GLY C 261 -16.41 -14.69 20.09
N GLY C 262 -16.31 -15.41 21.21
CA GLY C 262 -16.04 -14.82 22.50
C GLY C 262 -17.24 -14.24 23.22
N LEU C 263 -18.44 -14.42 22.68
CA LEU C 263 -19.65 -13.81 23.26
C LEU C 263 -20.37 -14.72 24.24
N TYR C 264 -20.00 -16.00 24.33
CA TYR C 264 -20.72 -16.94 25.17
C TYR C 264 -19.88 -18.20 25.32
N PRO C 265 -19.81 -18.79 26.52
CA PRO C 265 -19.07 -20.06 26.65
C PRO C 265 -19.82 -21.19 25.96
N VAL C 266 -19.35 -21.58 24.79
CA VAL C 266 -19.93 -22.69 24.03
C VAL C 266 -18.82 -23.64 23.64
N SER C 267 -19.03 -24.94 23.85
CA SER C 267 -18.09 -25.96 23.41
C SER C 267 -18.88 -27.13 22.83
N ALA C 268 -18.20 -27.96 22.05
CA ALA C 268 -18.86 -29.04 21.34
C ALA C 268 -17.98 -30.28 21.29
N VAL C 269 -18.64 -31.44 21.39
CA VAL C 269 -18.00 -32.74 21.22
C VAL C 269 -18.63 -33.40 20.01
N LEU C 270 -17.88 -33.55 18.93
CA LEU C 270 -18.38 -34.12 17.69
C LEU C 270 -17.87 -35.54 17.50
N CYS C 271 -18.78 -36.45 17.16
CA CYS C 271 -18.39 -37.82 16.81
C CYS C 271 -19.59 -38.51 16.16
N ASP C 272 -19.36 -39.73 15.69
CA ASP C 272 -20.39 -40.53 15.04
C ASP C 272 -21.16 -41.35 16.07
N ASP C 273 -22.24 -41.97 15.61
CA ASP C 273 -23.21 -42.59 16.53
C ASP C 273 -22.58 -43.69 17.35
N ASP C 274 -21.68 -44.48 16.75
CA ASP C 274 -21.13 -45.65 17.42
C ASP C 274 -20.36 -45.28 18.68
N ILE C 275 -19.90 -44.04 18.79
CA ILE C 275 -19.31 -43.53 20.02
C ILE C 275 -20.32 -42.74 20.84
N MET C 276 -21.02 -41.81 20.20
CA MET C 276 -21.88 -40.88 20.93
C MET C 276 -22.96 -41.61 21.71
N LEU C 277 -23.59 -42.62 21.12
CA LEU C 277 -24.75 -43.24 21.72
C LEU C 277 -24.41 -44.27 22.79
N THR C 278 -23.13 -44.41 23.18
CA THR C 278 -22.83 -45.16 24.38
C THR C 278 -23.33 -44.46 25.62
N ILE C 279 -23.55 -43.15 25.55
CA ILE C 279 -24.12 -42.38 26.65
C ILE C 279 -25.63 -42.31 26.47
N LYS C 280 -26.36 -42.96 27.37
CA LYS C 280 -27.80 -43.09 27.31
C LYS C 280 -28.47 -41.88 27.93
N PRO C 281 -29.78 -41.73 27.75
CA PRO C 281 -30.48 -40.59 28.39
C PRO C 281 -30.31 -40.59 29.90
N GLY C 282 -29.93 -39.43 30.44
CA GLY C 282 -29.78 -39.26 31.86
C GLY C 282 -28.39 -39.53 32.41
N GLU C 283 -27.40 -39.76 31.55
CA GLU C 283 -26.09 -40.21 32.01
C GLU C 283 -24.99 -39.18 31.82
N HIS C 284 -25.29 -38.01 31.26
CA HIS C 284 -24.31 -36.93 31.14
C HIS C 284 -25.03 -35.67 30.71
N GLY C 285 -24.58 -34.53 31.20
CA GLY C 285 -25.21 -33.29 30.82
C GLY C 285 -24.61 -32.09 31.49
N SER C 286 -25.38 -31.00 31.49
CA SER C 286 -24.96 -29.67 31.91
C SER C 286 -26.19 -28.76 31.90
N THR C 287 -26.27 -27.87 32.88
CA THR C 287 -27.40 -26.95 32.96
C THR C 287 -27.50 -26.10 31.70
N TYR C 288 -26.43 -25.36 31.38
CA TYR C 288 -26.43 -24.42 30.27
C TYR C 288 -26.07 -25.06 28.94
N GLY C 289 -25.59 -26.29 28.93
CA GLY C 289 -25.23 -26.94 27.69
C GLY C 289 -26.36 -27.01 26.69
N GLY C 290 -26.15 -26.44 25.50
CA GLY C 290 -27.15 -26.47 24.46
C GLY C 290 -28.26 -25.44 24.59
N ASN C 291 -28.09 -24.43 25.44
CA ASN C 291 -29.12 -23.41 25.59
C ASN C 291 -29.28 -22.62 24.28
N PRO C 292 -30.46 -22.03 24.04
CA PRO C 292 -30.73 -21.42 22.73
C PRO C 292 -29.90 -20.18 22.44
N LEU C 293 -29.52 -19.42 23.47
CA LEU C 293 -28.73 -18.21 23.26
C LEU C 293 -27.35 -18.56 22.71
N GLY C 294 -26.61 -19.42 23.44
CA GLY C 294 -25.32 -19.86 22.95
C GLY C 294 -25.38 -20.55 21.60
N CYS C 295 -26.48 -21.28 21.34
CA CYS C 295 -26.65 -21.91 20.04
C CYS C 295 -26.76 -20.89 18.92
N ARG C 296 -27.56 -19.83 19.13
CA ARG C 296 -27.68 -18.80 18.12
C ARG C 296 -26.34 -18.12 17.86
N VAL C 297 -25.63 -17.77 18.93
CA VAL C 297 -24.35 -17.09 18.71
C VAL C 297 -23.34 -18.01 18.05
N ALA C 298 -23.42 -19.32 18.31
CA ALA C 298 -22.46 -20.24 17.70
C ALA C 298 -22.76 -20.44 16.22
N ILE C 299 -24.05 -20.54 15.85
CA ILE C 299 -24.41 -20.54 14.44
C ILE C 299 -23.83 -19.31 13.75
N ALA C 300 -24.04 -18.12 14.35
CA ALA C 300 -23.54 -16.90 13.74
C ALA C 300 -22.02 -16.89 13.64
N ALA C 301 -21.33 -17.42 14.65
CA ALA C 301 -19.87 -17.41 14.65
C ALA C 301 -19.31 -18.31 13.56
N LEU C 302 -19.87 -19.51 13.40
CA LEU C 302 -19.43 -20.39 12.33
C LEU C 302 -19.73 -19.77 10.97
N GLU C 303 -20.87 -19.11 10.84
CA GLU C 303 -21.19 -18.44 9.59
C GLU C 303 -20.19 -17.33 9.27
N VAL C 304 -19.78 -16.56 10.28
CA VAL C 304 -18.77 -15.53 10.07
C VAL C 304 -17.47 -16.15 9.60
N LEU C 305 -17.04 -17.23 10.27
CA LEU C 305 -15.78 -17.86 9.88
C LEU C 305 -15.83 -18.36 8.45
N GLU C 306 -16.98 -18.88 8.01
CA GLU C 306 -17.05 -19.42 6.66
C GLU C 306 -17.18 -18.32 5.60
N GLU C 307 -18.06 -17.34 5.84
CA GLU C 307 -18.41 -16.36 4.81
C GLU C 307 -17.34 -15.31 4.58
N GLU C 308 -16.42 -15.12 5.52
CA GLU C 308 -15.31 -14.20 5.34
C GLU C 308 -14.00 -14.91 5.02
N ASN C 309 -14.05 -16.22 4.73
CA ASN C 309 -12.89 -17.00 4.32
C ASN C 309 -11.70 -16.77 5.26
N LEU C 310 -12.00 -16.78 6.56
CA LEU C 310 -10.98 -16.47 7.55
C LEU C 310 -9.87 -17.51 7.60
N ALA C 311 -10.13 -18.75 7.17
CA ALA C 311 -9.08 -19.75 7.12
C ALA C 311 -8.01 -19.40 6.10
N GLU C 312 -8.43 -19.01 4.89
CA GLU C 312 -7.46 -18.65 3.84
C GLU C 312 -6.67 -17.40 4.23
N ASN C 313 -7.36 -16.40 4.78
CA ASN C 313 -6.68 -15.21 5.28
C ASN C 313 -5.65 -15.56 6.35
N ALA C 314 -6.03 -16.46 7.27
CA ALA C 314 -5.10 -16.91 8.30
C ALA C 314 -3.88 -17.58 7.69
N ASP C 315 -4.10 -18.45 6.69
CA ASP C 315 -3.00 -19.11 6.00
C ASP C 315 -2.01 -18.10 5.42
N LYS C 316 -2.52 -17.20 4.59
CA LYS C 316 -1.65 -16.25 3.90
C LYS C 316 -0.92 -15.35 4.89
N LEU C 317 -1.66 -14.76 5.83
CA LEU C 317 -1.04 -13.81 6.75
C LEU C 317 -0.11 -14.51 7.72
N GLY C 318 -0.34 -15.80 8.02
CA GLY C 318 0.60 -16.52 8.84
C GLY C 318 1.91 -16.78 8.13
N ILE C 319 1.84 -17.08 6.83
CA ILE C 319 3.08 -17.18 6.05
C ILE C 319 3.87 -15.88 6.14
N ILE C 320 3.19 -14.75 5.90
CA ILE C 320 3.85 -13.44 5.97
C ILE C 320 4.46 -13.22 7.36
N LEU C 321 3.67 -13.51 8.40
CA LEU C 321 4.10 -13.25 9.77
C LEU C 321 5.33 -14.05 10.14
N ARG C 322 5.35 -15.34 9.80
CA ARG C 322 6.50 -16.17 10.13
C ARG C 322 7.74 -15.74 9.37
N ASN C 323 7.61 -15.39 8.09
CA ASN C 323 8.78 -14.92 7.34
C ASN C 323 9.37 -13.66 7.97
N GLU C 324 8.51 -12.68 8.25
CA GLU C 324 8.99 -11.43 8.85
C GLU C 324 9.62 -11.68 10.22
N LEU C 325 8.99 -12.52 11.05
CA LEU C 325 9.57 -12.81 12.36
C LEU C 325 10.90 -13.52 12.24
N MET C 326 11.06 -14.36 11.21
CA MET C 326 12.33 -15.03 11.00
C MET C 326 13.42 -14.07 10.54
N LYS C 327 13.05 -12.94 9.93
CA LYS C 327 14.07 -11.94 9.64
C LYS C 327 14.72 -11.35 10.90
N LEU C 328 14.20 -11.67 12.11
CA LEU C 328 14.77 -11.16 13.36
C LEU C 328 16.06 -11.90 13.73
N PRO C 329 16.95 -11.26 14.50
CA PRO C 329 18.27 -11.85 14.71
C PRO C 329 18.23 -13.11 15.56
N SER C 330 19.04 -14.10 15.15
CA SER C 330 19.20 -15.31 15.95
C SER C 330 19.76 -14.99 17.33
N ASP C 331 20.46 -13.86 17.47
CA ASP C 331 21.06 -13.49 18.75
C ASP C 331 20.02 -13.41 19.87
N VAL C 332 18.79 -13.01 19.55
CA VAL C 332 17.76 -12.84 20.57
C VAL C 332 16.49 -13.64 20.31
N VAL C 333 16.20 -14.05 19.09
CA VAL C 333 15.05 -14.90 18.78
C VAL C 333 15.58 -16.24 18.30
N THR C 334 15.46 -17.27 19.13
CA THR C 334 16.03 -18.56 18.81
C THR C 334 15.14 -19.42 17.93
N ALA C 335 13.83 -19.20 17.95
CA ALA C 335 12.94 -20.02 17.14
C ALA C 335 11.66 -19.24 16.83
N VAL C 336 11.12 -19.51 15.65
CA VAL C 336 9.82 -19.02 15.22
C VAL C 336 9.02 -20.23 14.74
N ARG C 337 7.79 -20.38 15.22
CA ARG C 337 7.02 -21.55 14.83
C ARG C 337 5.54 -21.21 14.84
N GLY C 338 4.76 -22.09 14.21
CA GLY C 338 3.33 -21.92 14.16
C GLY C 338 2.70 -22.27 12.82
N LYS C 339 1.37 -22.17 12.78
CA LYS C 339 0.60 -22.41 11.57
C LYS C 339 -0.52 -21.39 11.51
N GLY C 340 -0.85 -20.95 10.30
CA GLY C 340 -1.85 -19.90 10.15
C GLY C 340 -1.48 -18.74 11.04
N LEU C 341 -2.47 -18.25 11.80
CA LEU C 341 -2.25 -17.14 12.71
C LEU C 341 -2.14 -17.58 14.17
N LEU C 342 -1.73 -18.83 14.41
CA LEU C 342 -1.26 -19.25 15.72
C LEU C 342 0.24 -19.41 15.60
N ASN C 343 1.00 -18.47 16.16
CA ASN C 343 2.45 -18.54 16.05
C ASN C 343 3.07 -18.19 17.40
N ALA C 344 4.37 -18.42 17.51
CA ALA C 344 5.11 -18.07 18.70
C ALA C 344 6.58 -17.92 18.35
N ILE C 345 7.25 -17.08 19.11
CA ILE C 345 8.70 -16.95 19.04
C ILE C 345 9.27 -17.37 20.38
N VAL C 346 10.54 -17.76 20.36
CA VAL C 346 11.26 -18.14 21.57
C VAL C 346 12.37 -17.13 21.81
N ILE C 347 12.38 -16.58 23.03
CA ILE C 347 13.37 -15.58 23.44
C ILE C 347 14.65 -16.28 23.88
N LYS C 348 15.78 -15.58 23.75
CA LYS C 348 17.02 -16.00 24.39
C LYS C 348 17.13 -15.27 25.73
N GLU C 349 16.42 -15.81 26.72
CA GLU C 349 16.31 -15.20 28.04
C GLU C 349 17.67 -15.12 28.72
N THR C 350 17.99 -13.96 29.30
CA THR C 350 19.33 -13.66 29.80
C THR C 350 19.34 -13.22 31.27
N LYS C 351 18.33 -13.56 32.05
CA LYS C 351 18.23 -13.17 33.46
C LYS C 351 18.02 -11.67 33.63
N ASP C 352 18.49 -10.86 32.67
CA ASP C 352 18.21 -9.43 32.64
C ASP C 352 17.20 -9.08 31.54
N TRP C 353 16.59 -10.09 30.93
CA TRP C 353 15.73 -9.89 29.77
C TRP C 353 14.92 -11.16 29.54
N ASP C 354 13.58 -11.07 29.66
CA ASP C 354 12.73 -12.25 29.55
C ASP C 354 11.50 -11.90 28.73
N ALA C 355 10.66 -12.92 28.50
CA ALA C 355 9.43 -12.71 27.73
C ALA C 355 8.49 -11.73 28.42
N TRP C 356 8.50 -11.70 29.76
CA TRP C 356 7.62 -10.78 30.47
C TRP C 356 7.98 -9.33 30.19
N LYS C 357 9.27 -9.00 30.24
CA LYS C 357 9.70 -7.65 29.91
C LYS C 357 9.37 -7.31 28.46
N VAL C 358 9.59 -8.27 27.55
CA VAL C 358 9.30 -8.02 26.14
C VAL C 358 7.83 -7.71 25.94
N CYS C 359 6.96 -8.43 26.66
CA CYS C 359 5.53 -8.18 26.52
C CYS C 359 5.12 -6.85 27.16
N LEU C 360 5.75 -6.50 28.28
CA LEU C 360 5.51 -5.17 28.86
C LEU C 360 5.84 -4.07 27.86
N ARG C 361 6.97 -4.21 27.16
CA ARG C 361 7.35 -3.19 26.20
C ARG C 361 6.50 -3.22 24.93
N LEU C 362 6.08 -4.42 24.50
CA LEU C 362 5.09 -4.50 23.43
C LEU C 362 3.81 -3.76 23.81
N ARG C 363 3.37 -3.94 25.06
CA ARG C 363 2.24 -3.16 25.55
C ARG C 363 2.51 -1.66 25.45
N ASP C 364 3.69 -1.22 25.90
CA ASP C 364 4.05 0.18 25.77
C ASP C 364 3.91 0.66 24.33
N ASN C 365 4.35 -0.15 23.37
CA ASN C 365 4.35 0.23 21.96
C ASN C 365 3.07 -0.18 21.23
N GLY C 366 2.01 -0.53 21.97
CA GLY C 366 0.70 -0.70 21.38
C GLY C 366 0.36 -2.09 20.88
N LEU C 367 0.95 -3.14 21.44
CA LEU C 367 0.65 -4.51 21.04
C LEU C 367 0.60 -5.40 22.26
N LEU C 368 -0.48 -6.18 22.39
CA LEU C 368 -0.72 -7.01 23.56
C LEU C 368 -0.45 -8.47 23.22
N ALA C 369 0.49 -9.09 23.93
CA ALA C 369 0.84 -10.49 23.73
C ALA C 369 1.10 -11.14 25.08
N LYS C 370 0.92 -12.45 25.12
CA LYS C 370 1.04 -13.22 26.35
C LYS C 370 2.34 -14.02 26.35
N PRO C 371 3.13 -13.94 27.43
CA PRO C 371 4.30 -14.80 27.54
C PRO C 371 3.98 -16.12 28.23
N THR C 372 4.78 -17.13 27.91
CA THR C 372 4.69 -18.42 28.59
C THR C 372 6.10 -18.82 29.03
N HIS C 373 6.22 -19.15 30.31
CA HIS C 373 7.45 -19.71 30.90
C HIS C 373 8.59 -18.70 30.99
N GLY C 374 8.54 -17.62 30.23
CA GLY C 374 9.57 -16.61 30.28
C GLY C 374 10.54 -16.61 29.11
N ASP C 375 10.35 -17.51 28.13
CA ASP C 375 11.12 -17.46 26.90
C ASP C 375 10.26 -17.65 25.66
N ILE C 376 8.94 -17.80 25.82
CA ILE C 376 8.03 -17.98 24.70
C ILE C 376 7.07 -16.80 24.67
N ILE C 377 6.80 -16.29 23.47
CA ILE C 377 5.79 -15.25 23.28
C ILE C 377 4.91 -15.66 22.10
N ARG C 378 3.60 -15.72 22.34
CA ARG C 378 2.65 -16.07 21.31
C ARG C 378 2.23 -14.85 20.51
N PHE C 379 2.13 -15.01 19.20
CA PHE C 379 1.58 -14.01 18.29
C PHE C 379 0.39 -14.63 17.58
N ALA C 380 -0.80 -14.13 17.92
CA ALA C 380 -2.06 -14.73 17.47
C ALA C 380 -3.12 -13.65 17.37
N PRO C 381 -3.05 -12.82 16.34
CA PRO C 381 -4.06 -11.77 16.16
C PRO C 381 -5.35 -12.35 15.61
N PRO C 382 -6.46 -11.63 15.71
CA PRO C 382 -7.70 -12.13 15.13
C PRO C 382 -7.55 -12.36 13.63
N LEU C 383 -8.33 -13.31 13.13
CA LEU C 383 -8.20 -13.71 11.72
C LEU C 383 -8.77 -12.68 10.76
N VAL C 384 -9.44 -11.64 11.25
CA VAL C 384 -10.01 -10.59 10.39
C VAL C 384 -8.99 -9.49 10.18
N ILE C 385 -7.75 -9.68 10.66
CA ILE C 385 -6.72 -8.69 10.45
C ILE C 385 -6.37 -8.63 8.98
N LYS C 386 -6.06 -7.43 8.49
CA LYS C 386 -5.66 -7.22 7.11
C LYS C 386 -4.13 -7.15 7.03
N GLU C 387 -3.62 -7.33 5.80
CA GLU C 387 -2.17 -7.44 5.63
C GLU C 387 -1.44 -6.19 6.09
N ASP C 388 -2.01 -5.01 5.83
CA ASP C 388 -1.34 -3.78 6.26
C ASP C 388 -1.33 -3.63 7.78
N GLU C 389 -2.45 -3.98 8.42
CA GLU C 389 -2.48 -3.99 9.88
C GLU C 389 -1.47 -5.00 10.43
N LEU C 390 -1.35 -6.15 9.78
CA LEU C 390 -0.36 -7.14 10.20
C LEU C 390 1.07 -6.61 10.05
N ARG C 391 1.35 -5.87 8.98
CA ARG C 391 2.70 -5.36 8.79
C ARG C 391 3.03 -4.27 9.79
N GLU C 392 2.05 -3.41 10.09
CA GLU C 392 2.24 -2.43 11.16
C GLU C 392 2.53 -3.12 12.50
N SER C 393 1.79 -4.20 12.78
CA SER C 393 2.04 -4.96 14.01
C SER C 393 3.43 -5.59 14.01
N ILE C 394 3.85 -6.13 12.87
CA ILE C 394 5.18 -6.72 12.75
C ILE C 394 6.24 -5.68 13.02
N GLU C 395 6.01 -4.44 12.56
CA GLU C 395 6.97 -3.38 12.84
C GLU C 395 6.98 -3.00 14.31
N ILE C 396 5.84 -3.04 14.97
CA ILE C 396 5.83 -2.86 16.43
C ILE C 396 6.68 -3.94 17.09
N ILE C 397 6.52 -5.18 16.67
CA ILE C 397 7.31 -6.28 17.22
C ILE C 397 8.79 -6.04 16.98
N ASN C 398 9.15 -5.59 15.79
CA ASN C 398 10.57 -5.35 15.47
C ASN C 398 11.15 -4.23 16.33
N LYS C 399 10.45 -3.11 16.41
CA LYS C 399 10.87 -2.00 17.28
C LYS C 399 11.11 -2.49 18.70
N THR C 400 10.16 -3.27 19.24
CA THR C 400 10.27 -3.76 20.60
C THR C 400 11.47 -4.68 20.76
N ILE C 401 11.57 -5.71 19.93
CA ILE C 401 12.63 -6.71 20.07
C ILE C 401 14.00 -6.03 19.94
N LEU C 402 14.15 -5.15 18.96
CA LEU C 402 15.44 -4.52 18.71
C LEU C 402 15.67 -3.29 19.59
N SER C 403 14.74 -2.94 20.46
CA SER C 403 14.98 -1.85 21.40
C SER C 403 15.75 -2.29 22.64
N PHE C 404 15.98 -3.59 22.82
CA PHE C 404 16.72 -4.07 23.98
C PHE C 404 18.21 -4.17 23.69
C15 Y3D D . 32.26 12.07 0.69
C17 Y3D D . 30.25 13.14 1.35
C18 Y3D D . 30.46 12.93 2.82
C19 Y3D D . 29.74 14.04 3.58
C20 Y3D D . 28.86 14.80 2.58
C21 Y3D D . 29.31 14.33 1.18
C01 Y3D D . 33.41 11.54 -2.68
C03 Y3D D . 35.21 11.27 -1.24
C04 Y3D D . 34.39 11.54 -0.15
C05 Y3D D . 33.05 11.81 -0.35
C06 Y3D D . 32.55 11.81 -1.64
C07 Y3D D . 32.87 11.54 -4.11
C09 Y3D D . 34.97 11.55 1.26
C23 Y3D D . 30.31 14.67 4.85
N02 Y3D D . 34.70 11.29 -2.48
N16 Y3D D . 30.96 12.68 0.43
O08 Y3D D . 31.19 12.10 -1.89
O10 Y3D D . 34.72 10.34 1.93
O12 Y3D D . 33.70 11.20 4.11
O13 Y3D D . 36.24 11.06 3.99
O14 Y3D D . 34.60 9.06 4.13
O22 Y3D D . 28.99 14.82 0.15
O24 Y3D D . 31.54 14.97 4.89
O25 Y3D D . 29.56 14.87 5.83
P11 Y3D D . 34.80 10.41 3.58
C15 Y3D E . -25.26 17.92 -15.58
C17 Y3D E . -24.89 16.62 -13.63
C18 Y3D E . -24.34 17.77 -12.80
C19 Y3D E . -24.64 17.50 -11.34
C20 Y3D E . -25.26 16.10 -11.23
C21 Y3D E . -25.37 15.55 -12.67
C01 Y3D E . -26.43 16.74 -18.76
C03 Y3D E . -26.67 19.06 -18.71
C04 Y3D E . -26.15 19.09 -17.42
C05 Y3D E . -25.76 17.91 -16.80
C06 Y3D E . -25.90 16.71 -17.48
C07 Y3D E . -26.59 15.43 -19.52
C09 Y3D E . -26.01 20.42 -16.69
C23 Y3D E . -24.80 18.61 -10.29
N02 Y3D E . -26.80 17.89 -19.33
N16 Y3D E . -25.14 16.66 -14.86
O08 Y3D E . -25.51 15.51 -16.89
O10 Y3D E . -24.67 20.81 -16.71
O12 Y3D E . -24.07 21.40 -14.28
O13 Y3D E . -25.33 23.17 -15.62
O14 Y3D E . -22.88 22.48 -15.93
O22 Y3D E . -25.77 14.46 -12.97
O24 Y3D E . -25.75 19.43 -10.43
O25 Y3D E . -24.00 18.68 -9.32
P11 Y3D E . -24.23 21.95 -15.63
C15 Y3D F . -7.83 -23.80 27.30
C17 Y3D F . -6.38 -21.99 27.79
C18 Y3D F . -7.28 -21.35 28.82
C19 Y3D F . -6.41 -20.64 29.85
C20 Y3D F . -4.99 -20.57 29.28
C21 Y3D F . -4.95 -21.54 28.09
C01 Y3D F . -7.33 -26.45 24.93
C03 Y3D F . -9.07 -27.05 26.37
C04 Y3D F . -8.92 -25.85 27.05
C05 Y3D F . -7.97 -24.94 26.65
C06 Y3D F . -7.16 -25.24 25.57
C07 Y3D F . -6.46 -26.82 23.73
C09 Y3D F . -9.83 -25.54 28.23
C23 Y3D F . -6.76 -20.51 31.33
N02 Y3D F . -8.27 -27.32 25.33
N16 Y3D F . -6.69 -22.94 27.02
O08 Y3D F . -6.17 -24.34 25.14
O10 Y3D F . -10.85 -24.68 27.79
O12 Y3D F . -10.61 -22.75 29.65
O13 Y3D F . -12.81 -23.14 28.36
O14 Y3D F . -12.19 -24.71 29.94
O22 Y3D F . -3.99 -21.88 27.49
O24 Y3D F . -6.92 -21.55 32.02
O25 Y3D F . -6.88 -19.36 31.84
P11 Y3D F . -11.64 -23.81 28.94
#